data_9PGU
#
_entry.id   9PGU
#
_cell.length_a   134.650
_cell.length_b   134.650
_cell.length_c   211.840
_cell.angle_alpha   90.000
_cell.angle_beta   90.000
_cell.angle_gamma   90.000
#
_symmetry.space_group_name_H-M   'P 41 21 2'
#
loop_
_entity.id
_entity.type
_entity.pdbx_description
1 polymer 'HIV-1 capsid'
2 non-polymer (5M)-5-{2-[(1S)-2-(3,5-difluorophenyl)-1-{2-[(3bS,4aR)-5,5-difluoro-3-(trifluoromethyl)-3b,4,4a,5-tetrahydro-1H-cyclopropa[3,4]cyclopenta[1,2-c]pyrazol-1-yl]acetamido}ethyl]pyridin-3-yl}-2-fluorobenzamide
#
_entity_poly.entity_id   1
_entity_poly.type   'polypeptide(L)'
_entity_poly.pdbx_seq_one_letter_code
;MPIVQNLQGQMVHQCISPRTLNAWVKVVEEKAFSPEVIPMFSALSCGATPQDLNTMLNTVGGHQAAMQMLKETINEEAAE
WDRLHPVHAGPIAPGQMREPRGSDIAGTTSTLQEQIGWMTHNPPIPVGEIYKRWIILGLNKIVRMYSPTSILDIRQGPKE
PFRDYVDRFYKTLRAEQASQEVKNAATETLLVQNANPDCKTILKALGPGATLEEMMTACQGVGGPGHKARVL
;
_entity_poly.pdbx_strand_id   A,B,C,D,E,F
#
# COMPACT_ATOMS: atom_id res chain seq x y z
N PRO A 2 20.97 1.19 -1.63
CA PRO A 2 21.22 2.51 -1.05
C PRO A 2 22.05 2.42 0.24
N ILE A 3 22.54 3.56 0.71
CA ILE A 3 23.33 3.63 1.93
C ILE A 3 22.60 4.55 2.90
N VAL A 4 22.05 3.97 3.97
CA VAL A 4 21.41 4.72 5.04
C VAL A 4 22.15 4.40 6.33
N GLN A 5 21.88 5.19 7.37
CA GLN A 5 22.52 5.00 8.67
C GLN A 5 21.61 4.21 9.60
N ASN A 6 22.20 3.26 10.31
CA ASN A 6 21.47 2.39 11.22
C ASN A 6 20.96 3.19 12.43
N LEU A 7 20.23 2.48 13.30
CA LEU A 7 19.89 3.06 14.59
C LEU A 7 21.13 3.27 15.45
N GLN A 8 22.22 2.55 15.17
CA GLN A 8 23.50 2.76 15.81
C GLN A 8 24.33 3.84 15.12
N GLY A 9 23.71 4.64 14.26
CA GLY A 9 24.42 5.70 13.57
C GLY A 9 25.51 5.22 12.65
N GLN A 10 25.37 4.04 12.08
CA GLN A 10 26.39 3.41 11.25
C GLN A 10 25.85 3.27 9.83
N MET A 11 26.58 3.81 8.86
CA MET A 11 26.18 3.72 7.46
C MET A 11 26.24 2.27 6.99
N VAL A 12 25.10 1.71 6.62
CA VAL A 12 25.01 0.35 6.13
C VAL A 12 24.34 0.37 4.76
N HIS A 13 24.45 -0.75 4.04
CA HIS A 13 23.92 -0.87 2.69
C HIS A 13 22.54 -1.54 2.77
N GLN A 14 21.50 -0.71 2.72
CA GLN A 14 20.14 -1.23 2.63
C GLN A 14 19.82 -1.60 1.19
N CYS A 15 19.01 -2.65 1.03
CA CYS A 15 18.63 -3.10 -0.29
C CYS A 15 17.70 -2.08 -0.95
N ILE A 16 17.73 -2.04 -2.28
CA ILE A 16 16.87 -1.13 -3.03
C ILE A 16 15.42 -1.55 -2.82
N SER A 17 14.60 -0.62 -2.34
CA SER A 17 13.23 -0.95 -1.96
C SER A 17 12.37 -1.21 -3.20
N PRO A 18 11.49 -2.21 -3.17
CA PRO A 18 10.62 -2.45 -4.33
C PRO A 18 9.71 -1.28 -4.64
N ARG A 19 9.36 -0.47 -3.65
CA ARG A 19 8.51 0.69 -3.91
C ARG A 19 9.25 1.72 -4.74
N THR A 20 10.55 1.91 -4.49
CA THR A 20 11.34 2.85 -5.29
C THR A 20 11.53 2.35 -6.70
N LEU A 21 11.79 1.05 -6.86
CA LEU A 21 11.93 0.45 -8.19
C LEU A 21 10.69 0.71 -9.03
N ASN A 22 9.52 0.28 -8.53
CA ASN A 22 8.29 0.45 -9.30
C ASN A 22 7.94 1.92 -9.50
N ALA A 23 8.23 2.77 -8.50
CA ALA A 23 7.96 4.20 -8.65
C ALA A 23 8.74 4.79 -9.81
N TRP A 24 10.04 4.48 -9.90
CA TRP A 24 10.86 5.05 -10.96
C TRP A 24 10.40 4.57 -12.33
N VAL A 25 10.07 3.28 -12.45
CA VAL A 25 9.61 2.75 -13.73
C VAL A 25 8.29 3.42 -14.15
N LYS A 26 7.39 3.61 -13.18
CA LYS A 26 6.09 4.20 -13.52
C LYS A 26 6.24 5.68 -13.88
N VAL A 27 7.15 6.39 -13.23
CA VAL A 27 7.37 7.80 -13.58
C VAL A 27 7.74 7.92 -15.04
N VAL A 28 8.72 7.13 -15.48
CA VAL A 28 9.13 7.17 -16.89
C VAL A 28 7.99 6.73 -17.79
N GLU A 29 7.19 5.75 -17.35
CA GLU A 29 6.09 5.27 -18.17
C GLU A 29 5.01 6.33 -18.34
N GLU A 30 4.88 7.25 -17.39
CA GLU A 30 3.84 8.27 -17.45
C GLU A 30 4.40 9.61 -17.92
N LYS A 31 5.15 10.29 -17.05
CA LYS A 31 5.68 11.60 -17.38
C LYS A 31 6.54 11.55 -18.64
N ALA A 32 7.37 10.52 -18.77
CA ALA A 32 8.19 10.28 -19.95
C ALA A 32 9.03 11.52 -20.29
N PHE A 33 10.03 11.76 -19.43
CA PHE A 33 11.03 12.80 -19.58
C PHE A 33 10.45 14.21 -19.46
N SER A 34 9.26 14.35 -18.90
CA SER A 34 8.78 15.66 -18.49
C SER A 34 9.73 16.24 -17.45
N PRO A 35 9.89 17.57 -17.39
CA PRO A 35 10.93 18.16 -16.51
C PRO A 35 10.91 17.68 -15.07
N GLU A 36 9.76 17.26 -14.54
CA GLU A 36 9.70 16.77 -13.17
C GLU A 36 10.31 15.38 -12.99
N VAL A 37 10.70 14.70 -14.06
CA VAL A 37 11.28 13.36 -13.92
C VAL A 37 12.68 13.45 -13.35
N ILE A 38 13.39 14.54 -13.61
CA ILE A 38 14.75 14.70 -13.10
C ILE A 38 14.71 14.81 -11.58
N PRO A 39 13.89 15.68 -10.97
CA PRO A 39 13.81 15.68 -9.51
C PRO A 39 13.30 14.36 -8.93
N MET A 40 12.38 13.69 -9.62
CA MET A 40 11.89 12.41 -9.14
C MET A 40 12.98 11.34 -9.17
N PHE A 41 13.89 11.43 -10.14
CA PHE A 41 15.02 10.50 -10.15
C PHE A 41 16.01 10.84 -9.04
N SER A 42 16.27 12.13 -8.84
CA SER A 42 17.21 12.54 -7.79
C SER A 42 16.72 12.13 -6.42
N ALA A 43 15.41 12.24 -6.18
CA ALA A 43 14.85 11.90 -4.87
C ALA A 43 14.76 10.39 -4.66
N LEU A 44 14.37 9.65 -5.70
CA LEU A 44 14.26 8.20 -5.58
C LEU A 44 15.62 7.52 -5.50
N SER A 45 16.70 8.22 -5.85
CA SER A 45 18.04 7.67 -5.80
C SER A 45 18.84 8.25 -4.64
N CYS A 46 18.16 8.64 -3.57
CA CYS A 46 18.83 9.30 -2.45
C CYS A 46 19.82 8.36 -1.79
N GLY A 47 21.09 8.73 -1.83
CA GLY A 47 22.14 7.90 -1.26
C GLY A 47 22.25 6.54 -1.91
N ALA A 48 22.18 6.48 -3.23
CA ALA A 48 22.24 5.22 -3.97
C ALA A 48 23.66 4.99 -4.48
N THR A 49 24.17 3.77 -4.28
CA THR A 49 25.45 3.42 -4.85
C THR A 49 25.34 3.43 -6.38
N PRO A 50 26.48 3.56 -7.08
CA PRO A 50 26.43 3.48 -8.55
C PRO A 50 25.75 2.23 -9.07
N GLN A 51 25.87 1.11 -8.37
CA GLN A 51 25.16 -0.09 -8.78
C GLN A 51 23.65 0.13 -8.77
N ASP A 52 23.16 0.87 -7.77
CA ASP A 52 21.73 1.15 -7.71
C ASP A 52 21.29 2.08 -8.82
N LEU A 53 22.11 3.09 -9.12
CA LEU A 53 21.78 4.00 -10.22
C LEU A 53 21.70 3.26 -11.54
N ASN A 54 22.66 2.36 -11.79
CA ASN A 54 22.63 1.57 -13.03
C ASN A 54 21.43 0.64 -13.05
N THR A 55 21.00 0.14 -11.89
CA THR A 55 19.83 -0.73 -11.85
C THR A 55 18.57 0.07 -12.16
N MET A 56 18.45 1.29 -11.63
CA MET A 56 17.29 2.11 -11.91
C MET A 56 17.20 2.45 -13.39
N LEU A 57 18.32 2.83 -14.00
CA LEU A 57 18.31 3.18 -15.42
C LEU A 57 18.01 1.96 -16.29
N ASN A 58 18.44 0.77 -15.88
CA ASN A 58 18.20 -0.42 -16.69
C ASN A 58 16.74 -0.82 -16.68
N THR A 59 16.03 -0.59 -15.57
CA THR A 59 14.62 -0.95 -15.51
C THR A 59 13.74 -0.02 -16.34
N VAL A 60 14.30 1.04 -16.91
CA VAL A 60 13.53 1.91 -17.80
C VAL A 60 13.10 1.11 -19.02
N GLY A 61 11.79 0.95 -19.19
CA GLY A 61 11.27 0.28 -20.36
C GLY A 61 11.15 1.21 -21.54
N GLY A 62 11.81 0.88 -22.65
CA GLY A 62 11.78 1.74 -23.81
C GLY A 62 12.68 2.95 -23.65
N HIS A 63 12.45 3.93 -24.53
CA HIS A 63 13.24 5.16 -24.56
C HIS A 63 14.73 4.85 -24.69
N GLN A 64 15.06 3.75 -25.36
CA GLN A 64 16.45 3.31 -25.44
C GLN A 64 17.32 4.30 -26.20
N ALA A 65 16.73 5.04 -27.13
CA ALA A 65 17.48 6.09 -27.83
C ALA A 65 18.01 7.12 -26.84
N ALA A 66 17.15 7.59 -25.95
CA ALA A 66 17.58 8.56 -24.95
C ALA A 66 18.57 7.95 -23.99
N MET A 67 18.52 6.63 -23.77
CA MET A 67 19.43 6.01 -22.82
C MET A 67 20.85 5.94 -23.37
N GLN A 68 21.01 5.66 -24.67
CA GLN A 68 22.34 5.69 -25.26
C GLN A 68 22.91 7.10 -25.24
N MET A 69 22.06 8.10 -25.49
CA MET A 69 22.50 9.49 -25.38
C MET A 69 22.94 9.82 -23.95
N LEU A 70 22.27 9.23 -22.96
CA LEU A 70 22.72 9.39 -21.58
C LEU A 70 24.00 8.62 -21.34
N LYS A 71 24.13 7.44 -21.94
CA LYS A 71 25.33 6.63 -21.80
C LYS A 71 26.55 7.35 -22.35
N GLU A 72 26.39 7.99 -23.52
CA GLU A 72 27.49 8.78 -24.08
C GLU A 72 27.84 9.96 -23.18
N THR A 73 26.82 10.62 -22.63
CA THR A 73 27.07 11.73 -21.72
C THR A 73 27.84 11.27 -20.48
N ILE A 74 27.50 10.08 -19.97
CA ILE A 74 28.25 9.52 -18.85
C ILE A 74 29.69 9.25 -19.25
N ASN A 75 29.87 8.67 -20.44
CA ASN A 75 31.22 8.37 -20.92
C ASN A 75 32.06 9.64 -21.03
N GLU A 76 31.47 10.72 -21.55
CA GLU A 76 32.20 11.97 -21.66
C GLU A 76 32.58 12.51 -20.29
N GLU A 77 31.62 12.52 -19.37
CA GLU A 77 31.89 13.05 -18.03
C GLU A 77 32.87 12.18 -17.26
N ALA A 78 32.82 10.86 -17.47
CA ALA A 78 33.76 9.96 -16.80
C ALA A 78 35.19 10.20 -17.27
N ALA A 79 35.36 10.45 -18.57
CA ALA A 79 36.70 10.73 -19.08
C ALA A 79 37.22 12.06 -18.56
N GLU A 80 36.34 13.06 -18.43
CA GLU A 80 36.75 14.35 -17.89
C GLU A 80 37.20 14.21 -16.43
N TRP A 81 36.56 13.30 -15.69
CA TRP A 81 37.02 13.01 -14.33
C TRP A 81 38.41 12.40 -14.35
N ASP A 82 38.70 11.58 -15.36
CA ASP A 82 40.02 10.96 -15.49
C ASP A 82 41.11 11.98 -15.82
N ARG A 83 40.73 13.12 -16.38
CA ARG A 83 41.69 14.18 -16.72
C ARG A 83 41.93 15.12 -15.54
N LEU A 84 40.85 15.65 -14.96
CA LEU A 84 40.99 16.57 -13.84
C LEU A 84 41.60 15.89 -12.62
N HIS A 85 41.44 14.57 -12.50
CA HIS A 85 42.00 13.79 -11.39
C HIS A 85 42.85 12.67 -11.99
N PRO A 86 44.12 12.97 -12.33
CA PRO A 86 45.03 11.98 -12.91
C PRO A 86 45.62 11.04 -11.87
N ARG A 98 42.25 3.82 -2.67
CA ARG A 98 42.76 4.28 -3.96
C ARG A 98 41.81 5.27 -4.59
N GLU A 99 42.34 6.11 -5.47
CA GLU A 99 41.52 7.10 -6.14
C GLU A 99 40.51 6.42 -7.05
N PRO A 100 39.25 6.87 -7.04
CA PRO A 100 38.26 6.32 -7.97
C PRO A 100 38.42 6.92 -9.35
N ARG A 101 38.24 6.09 -10.37
CA ARG A 101 38.28 6.55 -11.75
C ARG A 101 36.87 6.66 -12.29
N GLY A 102 36.76 7.23 -13.51
CA GLY A 102 35.45 7.42 -14.11
C GLY A 102 34.71 6.12 -14.28
N SER A 103 35.43 5.04 -14.61
CA SER A 103 34.80 3.73 -14.72
C SER A 103 34.35 3.21 -13.37
N ASP A 104 35.08 3.53 -12.30
CA ASP A 104 34.66 3.13 -10.97
C ASP A 104 33.44 3.92 -10.51
N ILE A 105 33.35 5.19 -10.88
CA ILE A 105 32.21 6.02 -10.47
C ILE A 105 30.97 5.65 -11.26
N ALA A 106 31.13 5.22 -12.52
CA ALA A 106 30.00 4.83 -13.34
C ALA A 106 29.54 3.41 -13.07
N GLY A 107 30.26 2.65 -12.24
CA GLY A 107 29.85 1.30 -11.89
C GLY A 107 30.16 0.25 -12.94
N THR A 108 31.21 0.46 -13.73
CA THR A 108 31.61 -0.48 -14.77
C THR A 108 32.80 -1.34 -14.36
N THR A 109 33.75 -0.76 -13.61
CA THR A 109 34.91 -1.49 -13.12
C THR A 109 35.02 -1.40 -11.60
N SER A 110 33.89 -1.25 -10.92
CA SER A 110 33.85 -1.14 -9.47
C SER A 110 32.86 -2.15 -8.91
N THR A 111 33.26 -2.81 -7.83
CA THR A 111 32.40 -3.72 -7.11
C THR A 111 31.56 -2.95 -6.09
N LEU A 112 30.48 -3.58 -5.63
CA LEU A 112 29.68 -2.97 -4.57
C LEU A 112 30.52 -2.78 -3.31
N GLN A 113 31.48 -3.68 -3.07
CA GLN A 113 32.42 -3.49 -1.97
C GLN A 113 33.23 -2.21 -2.16
N GLU A 114 33.74 -1.98 -3.37
CA GLU A 114 34.54 -0.79 -3.62
C GLU A 114 33.69 0.48 -3.56
N GLN A 115 32.46 0.42 -4.11
CA GLN A 115 31.58 1.58 -4.07
C GLN A 115 31.23 1.94 -2.63
N ILE A 116 30.88 0.94 -1.81
CA ILE A 116 30.57 1.20 -0.41
C ILE A 116 31.80 1.69 0.33
N GLY A 117 32.96 1.08 0.06
CA GLY A 117 34.19 1.53 0.70
C GLY A 117 34.51 2.98 0.41
N TRP A 118 34.17 3.47 -0.78
CA TRP A 118 34.39 4.87 -1.11
C TRP A 118 33.35 5.77 -0.45
N MET A 119 32.09 5.33 -0.38
CA MET A 119 31.03 6.17 0.18
C MET A 119 31.09 6.20 1.70
N THR A 120 31.27 5.04 2.34
CA THR A 120 31.35 4.97 3.80
C THR A 120 32.82 5.00 4.24
N HIS A 121 33.40 6.20 4.12
CA HIS A 121 34.79 6.43 4.48
C HIS A 121 34.89 7.82 5.09
N ASN A 122 35.99 8.04 5.81
CA ASN A 122 36.27 9.35 6.42
C ASN A 122 37.73 9.70 6.15
N PRO A 123 38.01 10.60 5.20
CA PRO A 123 37.07 11.39 4.38
C PRO A 123 36.36 10.56 3.31
N PRO A 124 35.11 10.88 3.01
CA PRO A 124 34.35 10.10 2.02
C PRO A 124 34.64 10.54 0.59
N ILE A 125 34.34 9.63 -0.34
CA ILE A 125 34.37 9.92 -1.77
C ILE A 125 33.03 9.48 -2.34
N PRO A 126 32.06 10.38 -2.51
CA PRO A 126 30.72 9.97 -2.90
C PRO A 126 30.61 9.54 -4.36
N VAL A 127 31.00 8.29 -4.64
CA VAL A 127 30.97 7.81 -6.01
C VAL A 127 29.54 7.65 -6.52
N GLY A 128 28.55 7.62 -5.62
CA GLY A 128 27.17 7.55 -6.02
C GLY A 128 26.59 8.91 -6.35
N GLU A 129 26.94 9.91 -5.55
CA GLU A 129 26.44 11.27 -5.80
C GLU A 129 27.12 11.89 -7.01
N ILE A 130 28.40 11.60 -7.23
CA ILE A 130 29.08 12.08 -8.43
C ILE A 130 28.41 11.49 -9.67
N TYR A 131 28.17 10.18 -9.66
CA TYR A 131 27.50 9.54 -10.79
C TYR A 131 26.11 10.11 -11.01
N LYS A 132 25.41 10.46 -9.93
CA LYS A 132 24.08 11.04 -10.06
C LYS A 132 24.13 12.39 -10.76
N ARG A 133 25.23 13.14 -10.59
CA ARG A 133 25.39 14.39 -11.32
C ARG A 133 25.48 14.13 -12.82
N TRP A 134 26.34 13.20 -13.21
CA TRP A 134 26.47 12.85 -14.64
C TRP A 134 25.13 12.41 -15.21
N ILE A 135 24.37 11.62 -14.45
CA ILE A 135 23.07 11.15 -14.94
C ILE A 135 22.10 12.32 -15.09
N ILE A 136 22.10 13.24 -14.14
CA ILE A 136 21.18 14.37 -14.21
C ILE A 136 21.54 15.31 -15.36
N LEU A 137 22.83 15.43 -15.67
CA LEU A 137 23.23 16.27 -16.81
C LEU A 137 22.70 15.69 -18.12
N GLY A 138 22.94 14.40 -18.34
CA GLY A 138 22.43 13.77 -19.55
C GLY A 138 20.91 13.75 -19.60
N LEU A 139 20.27 13.50 -18.46
CA LEU A 139 18.81 13.54 -18.41
C LEU A 139 18.29 14.94 -18.71
N ASN A 140 19.01 15.98 -18.30
CA ASN A 140 18.62 17.34 -18.66
C ASN A 140 18.71 17.54 -20.17
N LYS A 141 19.71 16.94 -20.81
CA LYS A 141 19.78 16.97 -22.26
C LYS A 141 18.56 16.31 -22.88
N ILE A 142 18.13 15.18 -22.32
CA ILE A 142 17.00 14.45 -22.87
C ILE A 142 15.72 15.27 -22.79
N VAL A 143 15.56 16.07 -21.74
CA VAL A 143 14.36 16.88 -21.62
C VAL A 143 14.34 17.98 -22.67
N ARG A 144 15.52 18.51 -23.05
CA ARG A 144 15.57 19.51 -24.11
C ARG A 144 15.25 18.89 -25.46
N MET A 145 15.80 17.71 -25.73
CA MET A 145 15.52 17.03 -26.99
C MET A 145 14.06 16.62 -27.08
N TYR A 146 13.42 16.30 -25.94
CA TYR A 146 12.04 15.87 -25.92
C TYR A 146 11.04 17.03 -25.89
N SER A 147 11.49 18.26 -25.68
CA SER A 147 10.56 19.39 -25.64
C SER A 147 9.92 19.56 -27.01
N PRO A 148 8.62 19.35 -27.16
CA PRO A 148 8.02 19.38 -28.50
C PRO A 148 7.97 20.78 -29.10
N THR A 149 7.80 21.81 -28.27
CA THR A 149 7.63 23.17 -28.75
C THR A 149 8.76 24.06 -28.22
N SER A 150 9.08 25.09 -28.98
CA SER A 150 10.01 26.11 -28.55
C SER A 150 9.26 27.26 -27.88
N ILE A 151 9.98 28.00 -27.03
CA ILE A 151 9.37 29.12 -26.31
C ILE A 151 8.90 30.19 -27.28
N LEU A 152 9.45 30.22 -28.49
CA LEU A 152 9.05 31.20 -29.49
C LEU A 152 7.71 30.89 -30.13
N ASP A 153 7.15 29.71 -29.87
CA ASP A 153 5.88 29.28 -30.46
C ASP A 153 4.76 29.15 -29.43
N ILE A 154 5.06 29.35 -28.15
CA ILE A 154 4.04 29.33 -27.11
C ILE A 154 3.30 30.66 -27.18
N ARG A 155 2.10 30.65 -27.76
CA ARG A 155 1.33 31.86 -27.96
C ARG A 155 -0.12 31.63 -27.52
N GLN A 156 -0.66 32.60 -26.79
CA GLN A 156 -1.97 32.42 -26.17
C GLN A 156 -3.06 32.32 -27.23
N GLY A 157 -3.94 31.33 -27.09
CA GLY A 157 -5.04 31.14 -28.01
C GLY A 157 -6.10 32.21 -27.88
N PRO A 158 -7.10 32.18 -28.77
CA PRO A 158 -8.13 33.21 -28.73
C PRO A 158 -9.03 33.12 -27.50
N LYS A 159 -9.46 31.91 -27.14
CA LYS A 159 -10.30 31.70 -25.97
C LYS A 159 -9.56 30.94 -24.87
N GLU A 160 -8.23 30.95 -24.90
CA GLU A 160 -7.44 30.24 -23.90
C GLU A 160 -7.31 31.09 -22.64
N PRO A 161 -7.69 30.58 -21.47
CA PRO A 161 -7.46 31.34 -20.24
C PRO A 161 -5.99 31.61 -20.02
N PHE A 162 -5.67 32.79 -19.49
CA PHE A 162 -4.29 33.21 -19.36
C PHE A 162 -3.49 32.25 -18.48
N ARG A 163 -4.11 31.67 -17.44
CA ARG A 163 -3.41 30.69 -16.63
C ARG A 163 -2.94 29.50 -17.46
N ASP A 164 -3.78 29.05 -18.39
CA ASP A 164 -3.40 27.92 -19.23
C ASP A 164 -2.27 28.29 -20.19
N TYR A 165 -2.22 29.56 -20.61
CA TYR A 165 -1.13 30.00 -21.49
C TYR A 165 0.18 30.06 -20.72
N VAL A 166 0.17 30.62 -19.52
CA VAL A 166 1.39 30.65 -18.70
C VAL A 166 1.79 29.25 -18.29
N ASP A 167 0.82 28.35 -18.09
CA ASP A 167 1.13 26.95 -17.76
C ASP A 167 1.98 26.31 -18.84
N ARG A 168 1.72 26.65 -20.11
CA ARG A 168 2.50 26.10 -21.21
C ARG A 168 3.81 26.86 -21.40
N PHE A 169 3.81 28.17 -21.12
CA PHE A 169 5.00 28.98 -21.34
C PHE A 169 6.14 28.55 -20.42
N TYR A 170 5.86 28.44 -19.12
CA TYR A 170 6.92 28.11 -18.17
C TYR A 170 7.28 26.64 -18.17
N LYS A 171 6.39 25.76 -18.61
CA LYS A 171 6.77 24.36 -18.81
C LYS A 171 7.74 24.24 -19.97
N THR A 172 7.41 24.85 -21.11
CA THR A 172 8.31 24.84 -22.26
C THR A 172 9.66 25.44 -21.90
N LEU A 173 9.66 26.47 -21.04
CA LEU A 173 10.92 27.09 -20.63
C LEU A 173 11.70 26.18 -19.68
N ARG A 174 11.00 25.52 -18.76
CA ARG A 174 11.65 24.61 -17.83
C ARG A 174 12.32 23.44 -18.55
N ALA A 175 11.83 23.06 -19.73
CA ALA A 175 12.44 22.00 -20.51
C ALA A 175 13.56 22.48 -21.42
N GLU A 176 13.49 23.73 -21.88
CA GLU A 176 14.49 24.23 -22.82
C GLU A 176 15.79 24.60 -22.11
N GLN A 177 15.71 25.34 -21.01
CA GLN A 177 16.89 25.72 -20.24
C GLN A 177 17.21 24.75 -19.12
N ALA A 178 16.87 23.47 -19.30
CA ALA A 178 17.09 22.44 -18.27
C ALA A 178 18.56 22.31 -17.91
N ASN A 184 15.60 35.67 -16.42
CA ASN A 184 15.67 36.21 -17.77
C ASN A 184 14.48 37.11 -18.06
N ALA A 185 14.72 38.41 -18.13
CA ALA A 185 13.66 39.36 -18.47
C ALA A 185 13.18 39.19 -19.90
N ALA A 186 13.94 38.48 -20.75
CA ALA A 186 13.47 38.20 -22.10
C ALA A 186 12.22 37.34 -22.09
N THR A 187 12.07 36.47 -21.09
CA THR A 187 10.83 35.72 -20.94
C THR A 187 9.68 36.62 -20.56
N GLU A 188 9.95 37.71 -19.84
CA GLU A 188 8.89 38.63 -19.45
C GLU A 188 8.37 39.41 -20.65
N THR A 189 9.28 39.88 -21.52
CA THR A 189 8.86 40.57 -22.72
C THR A 189 8.17 39.62 -23.69
N LEU A 190 8.65 38.37 -23.77
CA LEU A 190 8.10 37.41 -24.71
C LEU A 190 6.73 36.93 -24.27
N LEU A 191 6.51 36.80 -22.96
CA LEU A 191 5.21 36.35 -22.47
C LEU A 191 4.11 37.32 -22.86
N VAL A 192 4.36 38.62 -22.72
CA VAL A 192 3.37 39.61 -23.11
C VAL A 192 3.27 39.70 -24.64
N GLN A 193 4.42 39.64 -25.31
CA GLN A 193 4.45 39.82 -26.76
C GLN A 193 3.65 38.73 -27.48
N ASN A 194 3.63 37.52 -26.93
CA ASN A 194 2.88 36.43 -27.53
C ASN A 194 1.63 36.11 -26.72
N ALA A 195 0.84 37.13 -26.41
CA ALA A 195 -0.37 36.96 -25.61
C ALA A 195 -1.59 37.45 -26.39
N ASN A 196 -2.75 36.95 -25.97
CA ASN A 196 -4.00 37.36 -26.59
C ASN A 196 -4.18 38.87 -26.45
N PRO A 197 -4.69 39.56 -27.48
CA PRO A 197 -4.85 41.02 -27.37
C PRO A 197 -5.81 41.46 -26.27
N ASP A 198 -6.85 40.67 -25.99
CA ASP A 198 -7.74 40.99 -24.88
C ASP A 198 -6.96 41.14 -23.58
N CYS A 199 -5.98 40.25 -23.37
CA CYS A 199 -5.17 40.31 -22.16
C CYS A 199 -3.94 41.19 -22.32
N LYS A 200 -3.36 41.26 -23.53
CA LYS A 200 -2.17 42.06 -23.75
C LYS A 200 -2.41 43.54 -23.45
N THR A 201 -3.62 44.03 -23.73
CA THR A 201 -3.95 45.40 -23.35
C THR A 201 -3.97 45.57 -21.84
N ILE A 202 -4.49 44.57 -21.13
CA ILE A 202 -4.52 44.65 -19.68
C ILE A 202 -3.12 44.51 -19.10
N LEU A 203 -2.23 43.77 -19.77
CA LEU A 203 -0.87 43.62 -19.29
C LEU A 203 -0.10 44.93 -19.39
N LYS A 204 -0.29 45.66 -20.50
CA LYS A 204 0.33 46.98 -20.60
C LYS A 204 -0.28 47.96 -19.60
N ALA A 205 -1.57 47.79 -19.29
CA ALA A 205 -2.19 48.63 -18.26
C ALA A 205 -1.48 48.48 -16.92
N LEU A 206 -1.15 47.24 -16.54
CA LEU A 206 -0.45 47.00 -15.27
C LEU A 206 0.91 47.69 -15.24
N GLY A 207 1.58 47.80 -16.39
CA GLY A 207 2.86 48.45 -16.43
C GLY A 207 4.01 47.47 -16.26
N PRO A 208 5.22 47.90 -16.57
CA PRO A 208 6.38 47.01 -16.46
C PRO A 208 6.66 46.66 -15.02
N GLY A 209 7.30 45.52 -14.83
CA GLY A 209 7.64 45.02 -13.51
C GLY A 209 6.41 44.79 -12.66
N ALA A 210 5.60 43.79 -13.04
CA ALA A 210 4.39 43.44 -12.31
C ALA A 210 4.50 41.99 -11.88
N THR A 211 4.05 41.70 -10.65
CA THR A 211 4.06 40.33 -10.15
C THR A 211 3.22 39.45 -11.08
N LEU A 212 3.70 38.22 -11.31
CA LEU A 212 2.94 37.29 -12.11
C LEU A 212 1.54 37.09 -11.54
N GLU A 213 1.40 37.28 -10.22
CA GLU A 213 0.07 37.25 -9.61
C GLU A 213 -0.81 38.36 -10.15
N GLU A 214 -0.25 39.57 -10.30
CA GLU A 214 -1.03 40.69 -10.84
C GLU A 214 -1.46 40.43 -12.27
N MET A 215 -0.52 39.96 -13.11
CA MET A 215 -0.83 39.74 -14.53
C MET A 215 -1.96 38.73 -14.69
N MET A 216 -1.92 37.65 -13.92
CA MET A 216 -2.95 36.62 -14.02
C MET A 216 -4.22 37.00 -13.28
N THR A 217 -4.14 37.85 -12.26
CA THR A 217 -5.34 38.35 -11.62
C THR A 217 -6.13 39.27 -12.55
N ALA A 218 -5.42 40.15 -13.26
CA ALA A 218 -6.09 41.07 -14.18
C ALA A 218 -6.72 40.32 -15.35
N CYS A 219 -5.97 39.40 -15.97
CA CYS A 219 -6.48 38.59 -17.07
C CYS A 219 -7.18 37.35 -16.52
N GLN A 220 -8.30 37.60 -15.85
CA GLN A 220 -9.09 36.52 -15.26
C GLN A 220 -10.45 36.38 -15.95
N PRO B 2 15.49 -13.99 2.30
CA PRO B 2 16.61 -13.06 2.16
C PRO B 2 17.42 -12.94 3.44
N ILE B 3 18.71 -12.60 3.30
CA ILE B 3 19.60 -12.39 4.43
C ILE B 3 19.85 -10.88 4.51
N VAL B 4 19.09 -10.20 5.37
CA VAL B 4 19.23 -8.77 5.55
C VAL B 4 20.19 -8.49 6.71
N GLN B 5 20.35 -7.22 7.07
CA GLN B 5 21.20 -6.81 8.17
C GLN B 5 20.35 -6.19 9.26
N ASN B 6 20.37 -6.81 10.44
CA ASN B 6 19.64 -6.27 11.58
C ASN B 6 20.10 -4.85 11.88
N LEU B 7 19.23 -4.09 12.56
CA LEU B 7 19.60 -2.75 12.96
C LEU B 7 20.69 -2.76 14.04
N GLN B 8 21.00 -3.91 14.62
CA GLN B 8 22.15 -4.09 15.48
C GLN B 8 23.39 -4.55 14.72
N GLY B 9 23.36 -4.52 13.39
CA GLY B 9 24.49 -4.87 12.57
C GLY B 9 24.58 -6.33 12.19
N GLN B 10 23.93 -7.22 12.94
CA GLN B 10 24.04 -8.66 12.70
C GLN B 10 23.15 -9.07 11.53
N MET B 11 23.76 -9.66 10.50
CA MET B 11 23.00 -10.19 9.37
C MET B 11 22.03 -11.27 9.84
N VAL B 12 20.75 -11.11 9.48
CA VAL B 12 19.69 -12.02 9.90
C VAL B 12 18.83 -12.38 8.70
N HIS B 13 18.15 -13.52 8.81
CA HIS B 13 17.22 -13.98 7.78
C HIS B 13 15.83 -13.44 8.05
N GLN B 14 15.13 -13.09 6.97
CA GLN B 14 13.77 -12.59 7.06
C GLN B 14 12.92 -13.22 5.96
N CYS B 15 11.60 -13.12 6.13
CA CYS B 15 10.68 -13.68 5.17
C CYS B 15 10.57 -12.78 3.95
N ILE B 16 10.29 -13.40 2.80
CA ILE B 16 10.15 -12.65 1.56
C ILE B 16 8.95 -11.73 1.65
N SER B 17 9.12 -10.48 1.25
CA SER B 17 8.05 -9.50 1.38
C SER B 17 6.93 -9.81 0.40
N PRO B 18 5.67 -9.68 0.82
CA PRO B 18 4.55 -9.88 -0.14
C PRO B 18 4.62 -8.93 -1.31
N ARG B 19 5.05 -7.68 -1.07
CA ARG B 19 5.18 -6.73 -2.17
C ARG B 19 6.28 -7.16 -3.14
N THR B 20 7.38 -7.73 -2.61
CA THR B 20 8.45 -8.20 -3.48
C THR B 20 7.98 -9.34 -4.37
N LEU B 21 7.16 -10.25 -3.82
CA LEU B 21 6.61 -11.34 -4.61
C LEU B 21 5.65 -10.83 -5.67
N ASN B 22 4.63 -10.08 -5.24
CA ASN B 22 3.61 -9.60 -6.17
C ASN B 22 4.22 -8.74 -7.25
N ALA B 23 5.26 -7.97 -6.94
CA ALA B 23 5.93 -7.17 -7.96
C ALA B 23 6.55 -8.06 -9.03
N TRP B 24 7.18 -9.16 -8.62
CA TRP B 24 7.83 -10.05 -9.59
C TRP B 24 6.80 -10.71 -10.49
N VAL B 25 5.65 -11.10 -9.93
CA VAL B 25 4.61 -11.72 -10.75
C VAL B 25 4.05 -10.70 -11.74
N LYS B 26 3.73 -9.50 -11.26
CA LYS B 26 3.19 -8.46 -12.14
C LYS B 26 4.20 -7.95 -13.15
N VAL B 27 5.50 -8.15 -12.90
CA VAL B 27 6.51 -7.79 -13.89
C VAL B 27 6.43 -8.74 -15.08
N VAL B 28 6.29 -10.03 -14.83
CA VAL B 28 6.20 -10.98 -15.93
C VAL B 28 4.82 -10.92 -16.58
N GLU B 29 3.80 -10.51 -15.83
CA GLU B 29 2.47 -10.35 -16.43
C GLU B 29 2.41 -9.17 -17.37
N GLU B 30 3.29 -8.17 -17.20
CA GLU B 30 3.26 -6.96 -18.01
C GLU B 30 4.43 -6.93 -18.99
N LYS B 31 5.67 -6.80 -18.49
CA LYS B 31 6.82 -6.72 -19.39
C LYS B 31 7.05 -8.03 -20.13
N ALA B 32 6.79 -9.16 -19.46
CA ALA B 32 6.82 -10.49 -20.08
C ALA B 32 8.12 -10.74 -20.83
N PHE B 33 9.21 -10.76 -20.07
CA PHE B 33 10.54 -11.08 -20.56
C PHE B 33 11.08 -10.06 -21.56
N SER B 34 10.70 -8.79 -21.40
CA SER B 34 11.39 -7.72 -22.07
C SER B 34 12.81 -7.63 -21.52
N PRO B 35 13.73 -6.95 -22.23
CA PRO B 35 15.09 -6.79 -21.69
C PRO B 35 15.15 -6.24 -20.27
N GLU B 36 14.17 -5.44 -19.85
CA GLU B 36 14.20 -4.87 -18.51
C GLU B 36 13.70 -5.83 -17.44
N VAL B 37 13.39 -7.08 -17.78
CA VAL B 37 12.95 -8.03 -16.78
C VAL B 37 14.14 -8.57 -16.00
N ILE B 38 15.31 -8.69 -16.63
CA ILE B 38 16.51 -9.16 -15.92
C ILE B 38 16.91 -8.22 -14.79
N PRO B 39 17.05 -6.91 -15.01
CA PRO B 39 17.46 -6.05 -13.88
C PRO B 39 16.42 -5.97 -12.78
N MET B 40 15.13 -6.06 -13.12
CA MET B 40 14.10 -6.03 -12.09
C MET B 40 14.14 -7.29 -11.23
N PHE B 41 14.47 -8.44 -11.83
CA PHE B 41 14.61 -9.67 -11.06
C PHE B 41 15.82 -9.57 -10.13
N SER B 42 16.95 -9.10 -10.65
CA SER B 42 18.16 -8.99 -9.85
C SER B 42 17.99 -8.01 -8.69
N ALA B 43 17.17 -6.97 -8.89
CA ALA B 43 16.93 -6.00 -7.82
C ALA B 43 16.00 -6.56 -6.75
N LEU B 44 14.92 -7.22 -7.15
CA LEU B 44 13.97 -7.77 -6.21
C LEU B 44 14.49 -9.03 -5.52
N SER B 45 15.59 -9.60 -6.00
CA SER B 45 16.20 -10.77 -5.37
C SER B 45 17.44 -10.40 -4.57
N CYS B 46 17.55 -9.16 -4.11
CA CYS B 46 18.73 -8.71 -3.38
C CYS B 46 18.91 -9.52 -2.11
N GLY B 47 20.07 -10.16 -1.98
CA GLY B 47 20.37 -10.97 -0.80
C GLY B 47 19.47 -12.16 -0.62
N ALA B 48 18.78 -12.59 -1.67
CA ALA B 48 17.85 -13.70 -1.55
C ALA B 48 18.60 -15.02 -1.38
N THR B 49 17.95 -15.96 -0.70
CA THR B 49 18.49 -17.31 -0.55
C THR B 49 18.09 -18.15 -1.76
N PRO B 50 18.78 -19.28 -1.98
CA PRO B 50 18.35 -20.17 -3.07
C PRO B 50 16.89 -20.60 -2.98
N GLN B 51 16.40 -20.86 -1.76
CA GLN B 51 14.99 -21.18 -1.59
C GLN B 51 14.11 -20.01 -2.03
N ASP B 52 14.48 -18.79 -1.65
CA ASP B 52 13.69 -17.63 -2.03
C ASP B 52 13.71 -17.39 -3.54
N LEU B 53 14.85 -17.68 -4.18
CA LEU B 53 14.91 -17.55 -5.63
C LEU B 53 13.95 -18.53 -6.31
N ASN B 54 13.90 -19.78 -5.83
CA ASN B 54 12.99 -20.76 -6.39
C ASN B 54 11.54 -20.32 -6.19
N THR B 55 11.23 -19.72 -5.04
CA THR B 55 9.87 -19.24 -4.80
C THR B 55 9.46 -18.20 -5.84
N MET B 56 10.38 -17.29 -6.18
CA MET B 56 10.08 -16.27 -7.17
C MET B 56 9.85 -16.88 -8.55
N LEU B 57 10.76 -17.75 -8.98
CA LEU B 57 10.61 -18.38 -10.29
C LEU B 57 9.39 -19.28 -10.37
N ASN B 58 8.91 -19.80 -9.23
CA ASN B 58 7.74 -20.67 -9.25
C ASN B 58 6.45 -19.88 -9.32
N THR B 59 6.38 -18.73 -8.64
CA THR B 59 5.15 -17.94 -8.67
C THR B 59 4.85 -17.37 -10.05
N VAL B 60 5.78 -17.49 -10.99
CA VAL B 60 5.55 -17.06 -12.37
C VAL B 60 4.44 -17.91 -12.98
N GLY B 61 3.30 -17.28 -13.25
CA GLY B 61 2.21 -17.97 -13.94
C GLY B 61 2.34 -17.84 -15.44
N GLY B 62 2.44 -18.97 -16.13
CA GLY B 62 2.64 -18.96 -17.56
C GLY B 62 4.10 -18.95 -17.93
N HIS B 63 4.34 -18.91 -19.25
CA HIS B 63 5.69 -18.94 -19.82
C HIS B 63 6.46 -20.17 -19.36
N GLN B 64 5.75 -21.30 -19.23
CA GLN B 64 6.37 -22.50 -18.68
C GLN B 64 7.47 -23.04 -19.58
N ALA B 65 7.34 -22.86 -20.89
CA ALA B 65 8.43 -23.24 -21.79
C ALA B 65 9.70 -22.48 -21.47
N ALA B 66 9.58 -21.17 -21.24
CA ALA B 66 10.73 -20.38 -20.85
C ALA B 66 11.28 -20.82 -19.50
N MET B 67 10.39 -21.24 -18.59
CA MET B 67 10.82 -21.64 -17.26
C MET B 67 11.58 -22.97 -17.29
N GLN B 68 11.10 -23.93 -18.10
CA GLN B 68 11.84 -25.17 -18.27
C GLN B 68 13.19 -24.92 -18.93
N MET B 69 13.22 -24.03 -19.92
CA MET B 69 14.48 -23.64 -20.53
C MET B 69 15.42 -23.04 -19.50
N LEU B 70 14.88 -22.24 -18.57
CA LEU B 70 15.67 -21.74 -17.46
C LEU B 70 16.16 -22.89 -16.58
N LYS B 71 15.30 -23.86 -16.31
CA LYS B 71 15.66 -25.00 -15.48
C LYS B 71 16.82 -25.78 -16.08
N GLU B 72 16.77 -26.03 -17.39
CA GLU B 72 17.85 -26.74 -18.05
C GLU B 72 19.15 -25.95 -18.00
N THR B 73 19.07 -24.63 -18.16
CA THR B 73 20.24 -23.79 -18.00
C THR B 73 20.80 -23.89 -16.59
N ILE B 74 19.90 -24.01 -15.60
CA ILE B 74 20.35 -24.14 -14.21
C ILE B 74 21.11 -25.45 -14.01
N ASN B 75 20.59 -26.55 -14.56
CA ASN B 75 21.24 -27.84 -14.41
C ASN B 75 22.61 -27.85 -15.08
N GLU B 76 22.72 -27.24 -16.26
CA GLU B 76 24.01 -27.19 -16.95
C GLU B 76 25.05 -26.45 -16.13
N GLU B 77 24.70 -25.28 -15.60
CA GLU B 77 25.65 -24.52 -14.79
C GLU B 77 25.93 -25.21 -13.47
N ALA B 78 24.98 -26.00 -12.97
CA ALA B 78 25.20 -26.74 -11.73
C ALA B 78 26.19 -27.88 -11.95
N ALA B 79 26.13 -28.54 -13.11
CA ALA B 79 27.06 -29.62 -13.40
C ALA B 79 28.49 -29.11 -13.51
N GLU B 80 28.67 -27.88 -13.99
CA GLU B 80 30.00 -27.30 -14.04
C GLU B 80 30.52 -27.00 -12.65
N TRP B 81 29.67 -26.42 -11.79
CA TRP B 81 30.10 -26.08 -10.43
C TRP B 81 30.58 -27.32 -9.68
N ASP B 82 30.00 -28.49 -9.98
CA ASP B 82 30.44 -29.72 -9.32
C ASP B 82 31.84 -30.13 -9.76
N ARG B 83 32.16 -29.91 -11.04
CA ARG B 83 33.47 -30.30 -11.54
C ARG B 83 34.54 -29.30 -11.13
N LEU B 84 34.32 -28.01 -11.43
CA LEU B 84 35.32 -27.00 -11.12
C LEU B 84 35.52 -26.84 -9.62
N HIS B 85 34.45 -26.98 -8.84
CA HIS B 85 34.51 -26.86 -7.38
C HIS B 85 33.94 -28.14 -6.77
N PRO B 86 34.75 -29.19 -6.67
CA PRO B 86 34.25 -30.43 -6.05
C PRO B 86 34.18 -30.30 -4.54
N VAL B 87 33.11 -30.85 -3.96
CA VAL B 87 32.91 -30.81 -2.51
C VAL B 87 33.73 -31.94 -1.89
N HIS B 88 34.74 -31.58 -1.10
CA HIS B 88 35.62 -32.56 -0.46
C HIS B 88 34.84 -33.50 0.46
N GLU B 99 31.31 -28.32 2.32
CA GLU B 99 31.31 -27.63 1.04
C GLU B 99 30.04 -27.93 0.23
N PRO B 100 29.54 -26.93 -0.49
CA PRO B 100 28.31 -27.09 -1.25
C PRO B 100 28.58 -27.74 -2.61
N ARG B 101 27.49 -28.13 -3.26
CA ARG B 101 27.52 -28.65 -4.62
C ARG B 101 26.45 -27.95 -5.45
N GLY B 102 26.34 -28.35 -6.72
CA GLY B 102 25.42 -27.68 -7.62
C GLY B 102 23.97 -27.78 -7.16
N SER B 103 23.56 -28.98 -6.75
CA SER B 103 22.19 -29.15 -6.28
C SER B 103 21.92 -28.37 -5.00
N ASP B 104 22.94 -28.20 -4.16
CA ASP B 104 22.76 -27.40 -2.95
C ASP B 104 22.48 -25.95 -3.28
N ILE B 105 23.25 -25.37 -4.20
CA ILE B 105 23.03 -23.98 -4.59
C ILE B 105 21.72 -23.84 -5.36
N ALA B 106 21.33 -24.87 -6.12
CA ALA B 106 20.05 -24.82 -6.83
C ALA B 106 18.88 -24.94 -5.89
N GLY B 107 19.08 -25.55 -4.73
CA GLY B 107 18.03 -25.72 -3.74
C GLY B 107 17.27 -27.02 -3.79
N THR B 108 17.83 -28.06 -4.42
CA THR B 108 17.16 -29.36 -4.48
C THR B 108 17.62 -30.34 -3.41
N THR B 109 18.82 -30.15 -2.87
CA THR B 109 19.35 -31.04 -1.83
C THR B 109 19.88 -30.26 -0.63
N SER B 110 19.44 -29.02 -0.44
CA SER B 110 19.88 -28.21 0.69
C SER B 110 18.68 -27.70 1.46
N THR B 111 18.90 -27.42 2.74
CA THR B 111 17.89 -26.85 3.62
C THR B 111 18.11 -25.35 3.76
N LEU B 112 17.08 -24.66 4.24
CA LEU B 112 17.23 -23.22 4.47
C LEU B 112 18.30 -22.94 5.52
N GLN B 113 18.51 -23.86 6.46
CA GLN B 113 19.56 -23.67 7.46
C GLN B 113 20.94 -23.84 6.83
N GLU B 114 21.10 -24.83 5.95
CA GLU B 114 22.37 -24.98 5.24
C GLU B 114 22.66 -23.78 4.37
N GLN B 115 21.65 -23.29 3.64
CA GLN B 115 21.84 -22.11 2.80
C GLN B 115 22.23 -20.90 3.64
N ILE B 116 21.50 -20.66 4.74
CA ILE B 116 21.81 -19.54 5.62
C ILE B 116 23.20 -19.71 6.21
N GLY B 117 23.60 -20.94 6.53
CA GLY B 117 24.94 -21.17 7.05
C GLY B 117 26.02 -20.78 6.06
N TRP B 118 25.83 -21.14 4.78
CA TRP B 118 26.80 -20.75 3.76
C TRP B 118 26.81 -19.25 3.55
N MET B 119 25.63 -18.61 3.56
CA MET B 119 25.55 -17.18 3.28
C MET B 119 25.99 -16.31 4.45
N THR B 120 26.12 -16.89 5.65
CA THR B 120 26.62 -16.18 6.83
C THR B 120 27.71 -17.06 7.45
N HIS B 121 28.95 -16.80 7.07
CA HIS B 121 30.09 -17.62 7.46
C HIS B 121 31.32 -16.74 7.33
N ASN B 122 32.31 -17.02 8.19
CA ASN B 122 33.56 -16.27 8.14
C ASN B 122 34.10 -16.35 6.72
N PRO B 123 34.19 -17.53 6.10
CA PRO B 123 34.38 -17.59 4.65
C PRO B 123 33.04 -17.74 3.96
N PRO B 124 32.46 -16.64 3.47
CA PRO B 124 31.07 -16.70 2.97
C PRO B 124 31.01 -17.36 1.61
N ILE B 125 30.20 -18.41 1.51
CA ILE B 125 29.86 -19.03 0.24
C ILE B 125 28.51 -18.48 -0.22
N PRO B 126 28.48 -17.45 -1.07
CA PRO B 126 27.20 -16.78 -1.39
C PRO B 126 26.36 -17.56 -2.39
N VAL B 127 25.78 -18.67 -1.93
CA VAL B 127 24.96 -19.52 -2.78
C VAL B 127 23.75 -18.78 -3.32
N GLY B 128 23.33 -17.70 -2.66
CA GLY B 128 22.25 -16.90 -3.20
C GLY B 128 22.66 -16.18 -4.47
N GLU B 129 23.82 -15.51 -4.44
CA GLU B 129 24.28 -14.80 -5.63
C GLU B 129 24.77 -15.75 -6.71
N ILE B 130 25.31 -16.91 -6.32
CA ILE B 130 25.75 -17.89 -7.31
C ILE B 130 24.56 -18.45 -8.09
N TYR B 131 23.49 -18.81 -7.37
CA TYR B 131 22.28 -19.29 -8.03
C TYR B 131 21.66 -18.21 -8.90
N LYS B 132 21.63 -16.97 -8.38
CA LYS B 132 21.10 -15.86 -9.17
C LYS B 132 21.89 -15.67 -10.45
N ARG B 133 23.20 -15.97 -10.42
CA ARG B 133 24.02 -15.86 -11.62
C ARG B 133 23.54 -16.81 -12.70
N TRP B 134 23.28 -18.07 -12.32
CA TRP B 134 22.78 -19.04 -13.29
C TRP B 134 21.41 -18.64 -13.81
N ILE B 135 20.53 -18.16 -12.92
CA ILE B 135 19.19 -17.78 -13.32
C ILE B 135 19.24 -16.64 -14.33
N ILE B 136 20.07 -15.64 -14.06
CA ILE B 136 20.17 -14.50 -14.97
C ILE B 136 20.67 -14.96 -16.34
N LEU B 137 21.56 -15.96 -16.38
CA LEU B 137 22.03 -16.47 -17.66
C LEU B 137 20.90 -17.09 -18.46
N GLY B 138 20.12 -17.97 -17.82
CA GLY B 138 18.98 -18.54 -18.50
C GLY B 138 17.92 -17.52 -18.86
N LEU B 139 17.76 -16.49 -18.02
CA LEU B 139 16.82 -15.42 -18.35
C LEU B 139 17.31 -14.59 -19.51
N ASN B 140 18.62 -14.52 -19.73
CA ASN B 140 19.15 -13.85 -20.91
C ASN B 140 18.80 -14.63 -22.17
N LYS B 141 18.80 -15.96 -22.10
CA LYS B 141 18.39 -16.76 -23.24
C LYS B 141 16.92 -16.53 -23.57
N ILE B 142 16.07 -16.38 -22.55
CA ILE B 142 14.66 -16.16 -22.78
C ILE B 142 14.42 -14.84 -23.49
N VAL B 143 15.20 -13.81 -23.14
CA VAL B 143 15.02 -12.50 -23.75
C VAL B 143 15.45 -12.53 -25.21
N ARG B 144 16.54 -13.24 -25.52
CA ARG B 144 16.94 -13.39 -26.92
C ARG B 144 15.90 -14.17 -27.70
N MET B 145 15.28 -15.17 -27.06
CA MET B 145 14.30 -15.99 -27.76
C MET B 145 13.00 -15.22 -27.99
N TYR B 146 12.51 -14.53 -26.96
CA TYR B 146 11.31 -13.72 -27.12
C TYR B 146 11.55 -12.49 -27.99
N SER B 147 12.81 -12.20 -28.33
CA SER B 147 13.14 -11.09 -29.23
C SER B 147 12.54 -11.36 -30.60
N PRO B 148 11.54 -10.58 -31.03
CA PRO B 148 10.87 -10.89 -32.30
C PRO B 148 11.73 -10.67 -33.52
N THR B 149 12.65 -9.71 -33.48
CA THR B 149 13.46 -9.35 -34.64
C THR B 149 14.93 -9.34 -34.27
N SER B 150 15.77 -9.61 -35.26
CA SER B 150 17.22 -9.49 -35.09
C SER B 150 17.64 -8.04 -35.31
N ILE B 151 18.82 -7.70 -34.77
CA ILE B 151 19.36 -6.37 -34.97
C ILE B 151 19.71 -6.12 -36.43
N LEU B 152 19.93 -7.19 -37.20
CA LEU B 152 20.26 -7.07 -38.62
C LEU B 152 19.04 -6.88 -39.49
N ASP B 153 17.83 -6.94 -38.92
CA ASP B 153 16.60 -6.75 -39.68
C ASP B 153 15.87 -5.47 -39.28
N ILE B 154 16.45 -4.65 -38.41
CA ILE B 154 15.88 -3.36 -38.04
C ILE B 154 16.38 -2.33 -39.05
N ARG B 155 15.44 -1.73 -39.79
CA ARG B 155 15.79 -0.75 -40.81
C ARG B 155 14.81 0.41 -40.75
N GLN B 156 15.35 1.62 -40.91
CA GLN B 156 14.54 2.83 -40.83
C GLN B 156 13.70 2.98 -42.10
N GLY B 157 12.42 3.22 -41.92
CA GLY B 157 11.53 3.44 -43.05
C GLY B 157 11.69 4.83 -43.62
N PRO B 158 11.08 5.03 -44.80
CA PRO B 158 11.13 6.37 -45.42
C PRO B 158 10.30 7.40 -44.69
N LYS B 159 9.33 6.98 -43.88
CA LYS B 159 8.49 7.89 -43.11
C LYS B 159 8.72 7.74 -41.61
N GLU B 160 9.75 7.01 -41.20
CA GLU B 160 10.03 6.80 -39.79
C GLU B 160 11.04 7.83 -39.30
N PRO B 161 10.73 8.60 -38.25
CA PRO B 161 11.72 9.55 -37.73
C PRO B 161 12.95 8.82 -37.19
N PHE B 162 14.09 9.49 -37.29
CA PHE B 162 15.35 8.85 -36.89
C PHE B 162 15.34 8.46 -35.41
N ARG B 163 14.60 9.19 -34.58
CA ARG B 163 14.51 8.81 -33.17
C ARG B 163 13.76 7.50 -33.01
N ASP B 164 12.59 7.38 -33.65
CA ASP B 164 11.79 6.17 -33.51
C ASP B 164 12.53 4.94 -34.02
N TYR B 165 13.42 5.12 -34.99
CA TYR B 165 14.21 4.01 -35.50
C TYR B 165 15.34 3.64 -34.54
N VAL B 166 15.99 4.64 -33.94
CA VAL B 166 17.02 4.37 -32.95
C VAL B 166 16.43 3.69 -31.72
N ASP B 167 15.19 4.05 -31.35
CA ASP B 167 14.51 3.39 -30.25
C ASP B 167 14.38 1.89 -30.51
N ARG B 168 13.88 1.51 -31.69
CA ARG B 168 13.75 0.08 -32.00
C ARG B 168 15.11 -0.58 -32.13
N PHE B 169 16.12 0.17 -32.58
CA PHE B 169 17.45 -0.41 -32.76
C PHE B 169 18.02 -0.87 -31.42
N TYR B 170 18.15 0.06 -30.47
CA TYR B 170 18.78 -0.28 -29.20
C TYR B 170 17.89 -1.18 -28.35
N LYS B 171 16.57 -1.10 -28.52
CA LYS B 171 15.69 -2.03 -27.83
C LYS B 171 15.94 -3.47 -28.29
N THR B 172 16.08 -3.68 -29.60
CA THR B 172 16.42 -5.00 -30.11
C THR B 172 17.83 -5.41 -29.73
N LEU B 173 18.75 -4.44 -29.65
CA LEU B 173 20.13 -4.76 -29.32
C LEU B 173 20.26 -5.23 -27.88
N ARG B 174 19.48 -4.66 -26.96
CA ARG B 174 19.52 -5.10 -25.57
C ARG B 174 19.03 -6.53 -25.41
N ALA B 175 18.27 -7.04 -26.37
CA ALA B 175 17.86 -8.44 -26.32
C ALA B 175 19.00 -9.36 -26.75
N GLU B 176 19.63 -9.05 -27.89
CA GLU B 176 20.67 -9.93 -28.42
C GLU B 176 21.89 -9.96 -27.50
N GLN B 177 22.54 -8.81 -27.32
CA GLN B 177 23.67 -8.70 -26.41
C GLN B 177 23.16 -8.91 -24.99
N ALA B 178 23.41 -10.10 -24.45
CA ALA B 178 22.88 -10.51 -23.14
C ALA B 178 23.11 -9.46 -22.04
N ASN B 184 30.57 -2.16 -27.63
CA ASN B 184 30.50 -2.77 -28.95
C ASN B 184 30.41 -1.69 -30.04
N ALA B 185 31.52 -1.50 -30.75
CA ALA B 185 31.57 -0.44 -31.76
C ALA B 185 30.83 -0.81 -33.04
N ALA B 186 30.62 -2.10 -33.31
CA ALA B 186 29.90 -2.51 -34.50
C ALA B 186 28.43 -2.12 -34.44
N THR B 187 27.90 -1.81 -33.26
CA THR B 187 26.51 -1.38 -33.15
C THR B 187 26.31 0.01 -33.75
N GLU B 188 27.30 0.90 -33.57
CA GLU B 188 27.19 2.22 -34.16
C GLU B 188 27.40 2.20 -35.67
N THR B 189 28.19 1.26 -36.17
CA THR B 189 28.38 1.16 -37.62
C THR B 189 27.13 0.66 -38.31
N LEU B 190 26.36 -0.24 -37.66
CA LEU B 190 25.13 -0.75 -38.25
C LEU B 190 24.00 0.27 -38.19
N LEU B 191 24.03 1.18 -37.21
CA LEU B 191 22.95 2.15 -37.08
C LEU B 191 22.88 3.07 -38.28
N VAL B 192 24.03 3.49 -38.81
CA VAL B 192 24.04 4.36 -39.97
C VAL B 192 23.63 3.59 -41.22
N GLN B 193 24.02 2.32 -41.30
CA GLN B 193 23.75 1.53 -42.50
C GLN B 193 22.25 1.34 -42.73
N ASN B 194 21.53 0.90 -41.70
CA ASN B 194 20.12 0.54 -41.84
C ASN B 194 19.20 1.74 -41.65
N ALA B 195 19.52 2.86 -42.30
CA ALA B 195 18.73 4.07 -42.22
C ALA B 195 18.19 4.45 -43.59
N ASN B 196 17.15 5.28 -43.61
CA ASN B 196 16.65 5.79 -44.88
C ASN B 196 17.74 6.60 -45.57
N PRO B 197 17.77 6.60 -46.91
CA PRO B 197 18.89 7.24 -47.61
C PRO B 197 19.04 8.73 -47.32
N ASP B 198 18.00 9.39 -46.83
CA ASP B 198 18.09 10.81 -46.49
C ASP B 198 18.95 11.02 -45.26
N CYS B 199 18.49 10.52 -44.10
CA CYS B 199 19.25 10.69 -42.87
C CYS B 199 20.58 9.93 -42.91
N LYS B 200 20.63 8.81 -43.64
CA LYS B 200 21.88 8.06 -43.74
C LYS B 200 22.99 8.90 -44.33
N THR B 201 22.69 9.68 -45.38
CA THR B 201 23.70 10.55 -45.98
C THR B 201 24.16 11.60 -44.99
N ILE B 202 23.23 12.18 -44.22
CA ILE B 202 23.59 13.22 -43.26
C ILE B 202 24.48 12.64 -42.16
N LEU B 203 24.31 11.36 -41.83
CA LEU B 203 25.13 10.75 -40.78
C LEU B 203 26.57 10.61 -41.23
N LYS B 204 26.78 10.10 -42.45
CA LYS B 204 28.13 10.07 -43.01
C LYS B 204 28.69 11.48 -43.13
N ALA B 205 27.83 12.47 -43.35
CA ALA B 205 28.27 13.85 -43.47
C ALA B 205 28.76 14.40 -42.14
N LEU B 206 28.09 14.03 -41.05
CA LEU B 206 28.53 14.45 -39.71
C LEU B 206 29.91 13.90 -39.36
N GLY B 207 30.42 12.93 -40.12
CA GLY B 207 31.73 12.39 -39.88
C GLY B 207 31.70 11.28 -38.85
N PRO B 208 32.54 10.26 -39.03
CA PRO B 208 32.65 9.20 -38.04
C PRO B 208 33.15 9.74 -36.71
N GLY B 209 32.87 8.99 -35.65
CA GLY B 209 33.19 9.44 -34.32
C GLY B 209 32.30 10.58 -33.87
N ALA B 210 30.99 10.39 -34.01
CA ALA B 210 30.00 11.38 -33.62
C ALA B 210 29.16 10.84 -32.46
N THR B 211 28.35 11.73 -31.90
CA THR B 211 27.47 11.38 -30.78
C THR B 211 26.05 11.19 -31.28
N LEU B 212 25.32 10.28 -30.62
CA LEU B 212 23.91 10.07 -30.96
C LEU B 212 23.13 11.36 -30.83
N GLU B 213 23.56 12.26 -29.95
CA GLU B 213 22.92 13.58 -29.85
C GLU B 213 22.99 14.31 -31.19
N GLU B 214 24.19 14.41 -31.76
CA GLU B 214 24.34 15.09 -33.04
C GLU B 214 23.66 14.31 -34.16
N MET B 215 23.71 12.97 -34.10
CA MET B 215 23.10 12.16 -35.15
C MET B 215 21.59 12.33 -35.20
N MET B 216 20.97 12.66 -34.07
CA MET B 216 19.54 12.90 -34.06
C MET B 216 19.19 14.35 -34.34
N THR B 217 20.02 15.29 -33.88
CA THR B 217 19.79 16.69 -34.19
C THR B 217 19.84 16.94 -35.70
N ALA B 218 20.72 16.24 -36.40
CA ALA B 218 20.88 16.43 -37.84
C ALA B 218 19.82 15.71 -38.66
N CYS B 219 18.91 14.97 -38.02
CA CYS B 219 17.83 14.29 -38.73
C CYS B 219 16.48 14.61 -38.12
N GLN B 220 16.35 15.77 -37.48
CA GLN B 220 15.07 16.17 -36.92
C GLN B 220 14.01 16.39 -38.00
N GLY B 221 14.44 16.75 -39.21
CA GLY B 221 13.51 16.94 -40.31
C GLY B 221 12.98 15.65 -40.90
N PRO C 2 14.35 14.15 5.45
CA PRO C 2 14.12 15.23 6.42
C PRO C 2 14.79 14.94 7.75
N ILE C 3 14.69 15.88 8.70
CA ILE C 3 15.28 15.71 10.03
C ILE C 3 14.21 15.16 10.95
N VAL C 4 14.31 13.87 11.29
CA VAL C 4 13.30 13.21 12.11
C VAL C 4 13.88 12.83 13.46
N GLN C 5 13.09 12.12 14.27
CA GLN C 5 13.47 11.74 15.62
C GLN C 5 13.95 10.29 15.62
N ASN C 6 15.26 10.10 15.78
CA ASN C 6 15.83 8.78 15.94
C ASN C 6 15.31 8.15 17.23
N LEU C 7 15.46 6.82 17.33
CA LEU C 7 15.04 6.11 18.53
C LEU C 7 15.77 6.63 19.76
N GLN C 8 17.06 6.98 19.61
CA GLN C 8 17.85 7.53 20.70
C GLN C 8 17.61 9.02 20.92
N GLY C 9 16.46 9.55 20.50
CA GLY C 9 16.19 10.96 20.66
C GLY C 9 17.05 11.91 19.84
N GLN C 10 17.95 11.39 19.00
CA GLN C 10 18.80 12.22 18.15
C GLN C 10 18.04 12.68 16.91
N MET C 11 18.50 13.79 16.34
CA MET C 11 17.90 14.34 15.12
C MET C 11 18.76 13.93 13.94
N VAL C 12 18.30 12.93 13.20
CA VAL C 12 19.06 12.35 12.09
C VAL C 12 18.37 12.69 10.78
N HIS C 13 19.16 12.73 9.71
CA HIS C 13 18.66 13.06 8.39
C HIS C 13 18.32 11.79 7.63
N GLN C 14 17.09 11.68 7.16
CA GLN C 14 16.61 10.56 6.36
C GLN C 14 16.31 11.02 4.95
N CYS C 15 16.09 10.04 4.07
CA CYS C 15 15.69 10.32 2.70
C CYS C 15 14.19 10.56 2.63
N ILE C 16 13.78 11.36 1.66
CA ILE C 16 12.36 11.62 1.45
C ILE C 16 11.67 10.32 1.04
N SER C 17 10.55 10.02 1.67
CA SER C 17 9.88 8.75 1.42
C SER C 17 9.32 8.71 0.00
N PRO C 18 9.45 7.58 -0.69
CA PRO C 18 8.77 7.45 -1.99
C PRO C 18 7.26 7.61 -1.87
N ARG C 19 6.66 7.03 -0.83
CA ARG C 19 5.24 7.20 -0.61
C ARG C 19 4.88 8.67 -0.40
N THR C 20 5.73 9.40 0.32
CA THR C 20 5.48 10.83 0.54
C THR C 20 5.65 11.62 -0.74
N LEU C 21 6.62 11.25 -1.58
CA LEU C 21 6.77 11.89 -2.88
C LEU C 21 5.52 11.68 -3.73
N ASN C 22 5.14 10.43 -3.94
CA ASN C 22 3.98 10.13 -4.77
C ASN C 22 2.72 10.77 -4.21
N ALA C 23 2.58 10.79 -2.88
CA ALA C 23 1.39 11.39 -2.28
C ALA C 23 1.28 12.87 -2.62
N TRP C 24 2.39 13.60 -2.51
CA TRP C 24 2.35 15.03 -2.81
C TRP C 24 2.05 15.30 -4.27
N VAL C 25 2.63 14.49 -5.17
CA VAL C 25 2.40 14.70 -6.60
C VAL C 25 0.94 14.43 -6.94
N LYS C 26 0.40 13.31 -6.44
CA LYS C 26 -0.99 12.96 -6.73
C LYS C 26 -1.98 13.92 -6.08
N VAL C 27 -1.59 14.58 -4.99
CA VAL C 27 -2.48 15.54 -4.34
C VAL C 27 -2.70 16.75 -5.26
N VAL C 28 -1.64 17.22 -5.92
CA VAL C 28 -1.80 18.32 -6.84
C VAL C 28 -2.56 17.88 -8.09
N GLU C 29 -2.42 16.59 -8.46
CA GLU C 29 -3.10 16.10 -9.65
C GLU C 29 -4.61 16.00 -9.46
N GLU C 30 -5.06 15.84 -8.22
CA GLU C 30 -6.48 15.65 -7.92
C GLU C 30 -7.10 16.90 -7.30
N LYS C 31 -6.57 17.37 -6.17
CA LYS C 31 -7.15 18.55 -5.53
C LYS C 31 -6.90 19.81 -6.34
N ALA C 32 -5.71 19.92 -6.95
CA ALA C 32 -5.38 20.97 -7.91
C ALA C 32 -5.54 22.36 -7.30
N PHE C 33 -4.71 22.63 -6.29
CA PHE C 33 -4.65 23.94 -5.63
C PHE C 33 -5.99 24.32 -4.99
N SER C 34 -6.76 23.33 -4.57
CA SER C 34 -7.86 23.55 -3.65
C SER C 34 -7.29 23.95 -2.29
N PRO C 35 -8.08 24.65 -1.47
CA PRO C 35 -7.60 24.99 -0.12
C PRO C 35 -7.08 23.81 0.66
N GLU C 36 -7.57 22.60 0.37
CA GLU C 36 -7.13 21.40 1.07
C GLU C 36 -5.69 21.01 0.76
N VAL C 37 -5.00 21.71 -0.14
CA VAL C 37 -3.62 21.40 -0.44
C VAL C 37 -2.65 22.10 0.51
N ILE C 38 -3.04 23.26 1.05
CA ILE C 38 -2.18 23.95 2.01
C ILE C 38 -1.87 23.08 3.22
N PRO C 39 -2.85 22.45 3.89
CA PRO C 39 -2.49 21.54 4.99
C PRO C 39 -1.80 20.28 4.51
N MET C 40 -2.15 19.79 3.32
CA MET C 40 -1.54 18.56 2.83
C MET C 40 -0.05 18.75 2.55
N PHE C 41 0.33 19.91 2.04
CA PHE C 41 1.75 20.18 1.78
C PHE C 41 2.52 20.27 3.09
N SER C 42 2.02 21.06 4.04
CA SER C 42 2.71 21.20 5.32
C SER C 42 2.79 19.88 6.07
N ALA C 43 1.83 18.99 5.85
CA ALA C 43 1.84 17.71 6.55
C ALA C 43 2.81 16.72 5.91
N LEU C 44 2.99 16.77 4.60
CA LEU C 44 3.96 15.91 3.95
C LEU C 44 5.37 16.46 4.02
N SER C 45 5.52 17.75 4.35
CA SER C 45 6.83 18.40 4.51
C SER C 45 7.23 18.47 5.97
N CYS C 46 6.93 17.41 6.73
CA CYS C 46 7.22 17.39 8.15
C CYS C 46 8.73 17.31 8.37
N GLY C 47 9.27 18.26 9.14
CA GLY C 47 10.69 18.29 9.40
C GLY C 47 11.56 18.38 8.16
N ALA C 48 11.03 18.90 7.06
CA ALA C 48 11.77 18.90 5.80
C ALA C 48 12.89 19.92 5.84
N THR C 49 14.04 19.54 5.28
CA THR C 49 15.11 20.48 5.04
C THR C 49 14.74 21.39 3.88
N PRO C 50 15.34 22.59 3.80
CA PRO C 50 15.07 23.44 2.63
C PRO C 50 15.30 22.74 1.30
N GLN C 51 16.30 21.84 1.23
CA GLN C 51 16.49 21.06 0.01
C GLN C 51 15.32 20.13 -0.25
N ASP C 52 14.83 19.48 0.80
CA ASP C 52 13.69 18.57 0.65
C ASP C 52 12.44 19.32 0.18
N LEU C 53 12.30 20.59 0.57
CA LEU C 53 11.16 21.38 0.12
C LEU C 53 11.25 21.67 -1.36
N ASN C 54 12.45 22.03 -1.84
CA ASN C 54 12.63 22.27 -3.28
C ASN C 54 12.31 21.02 -4.08
N THR C 55 12.80 19.86 -3.64
CA THR C 55 12.50 18.60 -4.33
C THR C 55 11.00 18.39 -4.49
N MET C 56 10.23 18.65 -3.43
CA MET C 56 8.79 18.44 -3.49
C MET C 56 8.15 19.40 -4.50
N LEU C 57 8.49 20.68 -4.41
CA LEU C 57 7.93 21.66 -5.34
C LEU C 57 8.36 21.40 -6.77
N ASN C 58 9.51 20.75 -6.98
CA ASN C 58 9.97 20.48 -8.32
C ASN C 58 9.29 19.26 -8.93
N THR C 59 8.86 18.31 -8.10
CA THR C 59 8.15 17.15 -8.62
C THR C 59 6.70 17.45 -8.97
N VAL C 60 6.27 18.70 -8.83
CA VAL C 60 4.90 19.07 -9.18
C VAL C 60 4.74 19.01 -10.69
N GLY C 61 3.80 18.20 -11.15
CA GLY C 61 3.54 18.07 -12.56
C GLY C 61 2.53 19.09 -13.06
N GLY C 62 2.94 19.90 -14.03
CA GLY C 62 2.09 20.95 -14.55
C GLY C 62 1.94 22.10 -13.57
N HIS C 63 0.91 22.92 -13.82
CA HIS C 63 0.62 24.10 -13.00
C HIS C 63 1.84 25.02 -12.90
N GLN C 64 2.71 24.96 -13.91
CA GLN C 64 3.97 25.70 -13.85
C GLN C 64 3.77 27.21 -13.83
N ALA C 65 2.55 27.70 -14.07
CA ALA C 65 2.27 29.11 -13.88
C ALA C 65 2.29 29.47 -12.40
N ALA C 66 1.56 28.70 -11.59
CA ALA C 66 1.53 28.97 -10.15
C ALA C 66 2.90 28.80 -9.52
N MET C 67 3.71 27.88 -10.03
CA MET C 67 5.01 27.63 -9.42
C MET C 67 5.95 28.81 -9.59
N GLN C 68 5.87 29.52 -10.72
CA GLN C 68 6.63 30.76 -10.86
C GLN C 68 6.10 31.82 -9.90
N MET C 69 4.78 31.88 -9.71
CA MET C 69 4.20 32.77 -8.71
C MET C 69 4.75 32.46 -7.33
N LEU C 70 4.97 31.18 -7.04
CA LEU C 70 5.56 30.78 -5.76
C LEU C 70 7.03 31.17 -5.69
N LYS C 71 7.76 31.05 -6.81
CA LYS C 71 9.15 31.48 -6.85
C LYS C 71 9.27 32.96 -6.50
N GLU C 72 8.45 33.79 -7.15
CA GLU C 72 8.51 35.23 -6.88
C GLU C 72 8.12 35.55 -5.45
N THR C 73 7.12 34.84 -4.92
CA THR C 73 6.77 35.01 -3.50
C THR C 73 7.96 34.72 -2.62
N ILE C 74 8.66 33.61 -2.88
CA ILE C 74 9.84 33.25 -2.09
C ILE C 74 10.92 34.30 -2.21
N ASN C 75 11.12 34.82 -3.43
CA ASN C 75 12.15 35.85 -3.63
C ASN C 75 11.82 37.13 -2.90
N GLU C 76 10.52 37.45 -2.77
CA GLU C 76 10.12 38.66 -2.05
C GLU C 76 10.28 38.48 -0.54
N GLU C 77 9.92 37.32 -0.01
CA GLU C 77 10.07 37.07 1.42
C GLU C 77 11.53 36.97 1.82
N ALA C 78 12.38 36.44 0.93
CA ALA C 78 13.80 36.34 1.23
C ALA C 78 14.47 37.71 1.25
N ALA C 79 13.95 38.66 0.45
CA ALA C 79 14.51 40.01 0.46
C ALA C 79 14.16 40.73 1.75
N GLU C 80 12.96 40.49 2.29
CA GLU C 80 12.61 41.06 3.59
C GLU C 80 13.44 40.45 4.70
N TRP C 81 13.81 39.17 4.56
CA TRP C 81 14.69 38.54 5.54
C TRP C 81 16.08 39.17 5.49
N ASP C 82 16.63 39.35 4.29
CA ASP C 82 17.96 39.95 4.16
C ASP C 82 17.96 41.41 4.62
N ARG C 83 16.81 42.10 4.49
CA ARG C 83 16.73 43.48 4.94
C ARG C 83 16.68 43.56 6.46
N LEU C 84 15.88 42.71 7.08
CA LEU C 84 15.74 42.70 8.54
C LEU C 84 16.86 41.93 9.23
N HIS C 85 17.91 41.54 8.51
CA HIS C 85 19.06 40.86 9.10
C HIS C 85 20.32 41.30 8.36
N PRO C 86 20.88 42.46 8.72
CA PRO C 86 22.06 42.96 8.01
C PRO C 86 23.33 42.22 8.39
N VAL C 87 24.47 42.68 7.88
CA VAL C 87 25.76 42.04 8.14
C VAL C 87 26.78 43.06 8.64
N ARG C 98 27.79 31.88 11.73
CA ARG C 98 27.21 32.41 10.49
C ARG C 98 25.69 32.26 10.49
N GLU C 99 24.98 33.37 10.66
CA GLU C 99 23.53 33.33 10.60
C GLU C 99 23.07 33.19 9.15
N PRO C 100 21.99 32.45 8.90
CA PRO C 100 21.56 32.23 7.51
C PRO C 100 20.91 33.47 6.92
N ARG C 101 21.01 33.58 5.60
CA ARG C 101 20.30 34.60 4.84
C ARG C 101 19.20 33.95 4.00
N GLY C 102 18.42 34.79 3.32
CA GLY C 102 17.26 34.31 2.61
C GLY C 102 17.59 33.29 1.54
N SER C 103 18.70 33.50 0.83
CA SER C 103 19.13 32.53 -0.17
C SER C 103 19.46 31.19 0.47
N ASP C 104 20.06 31.22 1.66
CA ASP C 104 20.35 29.98 2.37
C ASP C 104 19.08 29.29 2.84
N ILE C 105 18.06 30.07 3.21
CA ILE C 105 16.80 29.48 3.68
C ILE C 105 16.06 28.82 2.52
N ALA C 106 16.07 29.45 1.34
CA ALA C 106 15.43 28.89 0.17
C ALA C 106 16.24 27.78 -0.48
N GLY C 107 17.47 27.56 -0.05
CA GLY C 107 18.29 26.49 -0.60
C GLY C 107 18.97 26.80 -1.91
N THR C 108 19.07 28.07 -2.29
CA THR C 108 19.72 28.42 -3.55
C THR C 108 21.24 28.50 -3.38
N THR C 109 21.72 29.04 -2.26
CA THR C 109 23.14 29.18 -2.00
C THR C 109 23.55 28.48 -0.71
N SER C 110 22.86 27.41 -0.34
CA SER C 110 23.16 26.65 0.85
C SER C 110 23.26 25.17 0.50
N THR C 111 24.11 24.46 1.25
CA THR C 111 24.26 23.03 1.09
C THR C 111 23.43 22.30 2.13
N LEU C 112 23.20 21.01 1.88
CA LEU C 112 22.46 20.20 2.85
C LEU C 112 23.19 20.12 4.18
N GLN C 113 24.53 20.12 4.14
CA GLN C 113 25.29 20.15 5.40
C GLN C 113 25.00 21.43 6.18
N GLU C 114 24.97 22.57 5.49
CA GLU C 114 24.65 23.83 6.15
C GLU C 114 23.22 23.84 6.67
N GLN C 115 22.27 23.34 5.87
CA GLN C 115 20.87 23.33 6.28
C GLN C 115 20.68 22.45 7.51
N ILE C 116 21.28 21.26 7.51
CA ILE C 116 21.18 20.39 8.67
C ILE C 116 21.85 21.03 9.88
N GLY C 117 22.95 21.76 9.65
CA GLY C 117 23.62 22.42 10.75
C GLY C 117 22.72 23.40 11.48
N TRP C 118 22.08 24.30 10.72
CA TRP C 118 21.17 25.27 11.34
C TRP C 118 20.00 24.58 12.00
N MET C 119 19.52 23.47 11.44
CA MET C 119 18.34 22.79 11.99
C MET C 119 18.67 21.97 13.23
N THR C 120 19.93 21.61 13.45
CA THR C 120 20.31 20.79 14.59
C THR C 120 21.06 21.55 15.67
N HIS C 121 21.42 22.81 15.43
CA HIS C 121 22.10 23.61 16.44
C HIS C 121 21.20 23.83 17.64
N ASN C 122 21.82 24.15 18.78
CA ASN C 122 21.11 24.53 19.99
C ASN C 122 21.69 25.85 20.48
N PRO C 123 20.98 26.97 20.29
CA PRO C 123 19.60 27.13 19.79
C PRO C 123 19.43 26.77 18.31
N PRO C 124 18.24 26.29 17.94
CA PRO C 124 18.01 25.87 16.55
C PRO C 124 17.46 26.96 15.66
N ILE C 125 18.03 27.10 14.46
CA ILE C 125 17.52 28.01 13.45
C ILE C 125 16.75 27.18 12.43
N PRO C 126 15.42 27.13 12.52
CA PRO C 126 14.61 26.24 11.65
C PRO C 126 14.45 26.80 10.24
N VAL C 127 15.53 26.70 9.45
CA VAL C 127 15.48 27.18 8.08
C VAL C 127 14.50 26.37 7.25
N GLY C 128 14.24 25.12 7.66
CA GLY C 128 13.23 24.32 6.97
C GLY C 128 11.83 24.82 7.24
N GLU C 129 11.56 25.26 8.47
CA GLU C 129 10.23 25.75 8.79
C GLU C 129 10.03 27.19 8.33
N ILE C 130 11.11 27.97 8.23
CA ILE C 130 11.00 29.34 7.73
C ILE C 130 10.74 29.32 6.23
N TYR C 131 11.40 28.43 5.50
CA TYR C 131 11.14 28.28 4.08
C TYR C 131 9.72 27.80 3.83
N LYS C 132 9.27 26.80 4.61
CA LYS C 132 7.90 26.32 4.49
C LYS C 132 6.90 27.43 4.77
N ARG C 133 7.26 28.39 5.61
CA ARG C 133 6.36 29.51 5.89
C ARG C 133 6.14 30.36 4.64
N TRP C 134 7.23 30.69 3.93
CA TRP C 134 7.11 31.45 2.69
C TRP C 134 6.33 30.66 1.65
N ILE C 135 6.59 29.36 1.54
CA ILE C 135 5.91 28.53 0.55
C ILE C 135 4.42 28.53 0.81
N ILE C 136 4.02 28.44 2.08
CA ILE C 136 2.59 28.44 2.40
C ILE C 136 1.97 29.79 2.07
N LEU C 137 2.73 30.87 2.20
CA LEU C 137 2.24 32.18 1.76
C LEU C 137 1.93 32.17 0.27
N GLY C 138 2.91 31.78 -0.55
CA GLY C 138 2.68 31.74 -1.98
C GLY C 138 1.61 30.74 -2.38
N LEU C 139 1.52 29.62 -1.66
CA LEU C 139 0.47 28.66 -1.94
C LEU C 139 -0.91 29.23 -1.62
N ASN C 140 -1.01 30.10 -0.62
CA ASN C 140 -2.28 30.75 -0.32
C ASN C 140 -2.69 31.70 -1.42
N LYS C 141 -1.74 32.49 -1.93
CA LYS C 141 -2.03 33.39 -3.05
C LYS C 141 -2.43 32.60 -4.29
N ILE C 142 -1.92 31.38 -4.44
CA ILE C 142 -2.30 30.54 -5.57
C ILE C 142 -3.73 30.05 -5.43
N VAL C 143 -4.11 29.62 -4.23
CA VAL C 143 -5.47 29.13 -4.00
C VAL C 143 -6.48 30.25 -4.23
N ARG C 144 -6.12 31.49 -3.89
CA ARG C 144 -6.97 32.63 -4.21
C ARG C 144 -7.24 32.70 -5.71
N MET C 145 -6.19 32.56 -6.52
CA MET C 145 -6.34 32.68 -7.96
C MET C 145 -7.14 31.53 -8.54
N TYR C 146 -6.92 30.31 -8.06
CA TYR C 146 -7.70 29.16 -8.49
C TYR C 146 -9.13 29.17 -7.94
N SER C 147 -9.54 30.27 -7.31
CA SER C 147 -10.92 30.49 -6.89
C SER C 147 -11.49 31.62 -7.74
N PRO C 148 -12.16 31.31 -8.84
CA PRO C 148 -12.60 32.36 -9.76
C PRO C 148 -13.71 33.23 -9.19
N THR C 149 -14.79 32.58 -8.73
CA THR C 149 -15.94 33.30 -8.20
C THR C 149 -15.57 33.98 -6.89
N SER C 150 -15.69 35.30 -6.85
CA SER C 150 -15.44 36.03 -5.63
C SER C 150 -16.52 35.71 -4.60
N ILE C 151 -16.26 36.09 -3.35
CA ILE C 151 -17.23 35.88 -2.28
C ILE C 151 -18.50 36.69 -2.52
N LEU C 152 -18.41 37.74 -3.33
CA LEU C 152 -19.57 38.60 -3.56
C LEU C 152 -20.59 37.95 -4.49
N ASP C 153 -20.13 37.24 -5.51
CA ASP C 153 -21.01 36.66 -6.52
C ASP C 153 -21.64 35.34 -6.08
N ILE C 154 -21.50 34.96 -4.81
CA ILE C 154 -22.07 33.73 -4.29
C ILE C 154 -23.45 34.07 -3.75
N ARG C 155 -24.49 33.74 -4.52
CA ARG C 155 -25.87 34.01 -4.13
C ARG C 155 -26.69 32.74 -4.28
N GLN C 156 -27.71 32.61 -3.42
CA GLN C 156 -28.52 31.41 -3.37
C GLN C 156 -29.66 31.51 -4.38
N GLY C 157 -29.68 30.59 -5.34
CA GLY C 157 -30.80 30.47 -6.25
C GLY C 157 -32.02 29.97 -5.51
N PRO C 158 -33.21 30.42 -5.91
CA PRO C 158 -34.43 30.05 -5.18
C PRO C 158 -34.71 28.55 -5.14
N LYS C 159 -34.12 27.75 -6.03
CA LYS C 159 -34.32 26.31 -6.05
C LYS C 159 -33.19 25.56 -5.37
N GLU C 160 -32.36 26.25 -4.57
CA GLU C 160 -31.22 25.68 -3.88
C GLU C 160 -31.45 25.67 -2.37
N PRO C 161 -31.14 24.57 -1.69
CA PRO C 161 -31.22 24.55 -0.23
C PRO C 161 -30.17 25.46 0.40
N PHE C 162 -30.46 25.89 1.63
CA PHE C 162 -29.54 26.78 2.32
C PHE C 162 -28.25 26.07 2.71
N ARG C 163 -28.30 24.76 2.93
CA ARG C 163 -27.08 24.02 3.21
C ARG C 163 -26.09 24.09 2.06
N ASP C 164 -26.59 23.94 0.83
CA ASP C 164 -25.70 24.01 -0.33
C ASP C 164 -25.19 25.41 -0.56
N TYR C 165 -25.96 26.44 -0.19
CA TYR C 165 -25.51 27.81 -0.38
C TYR C 165 -24.39 28.16 0.58
N VAL C 166 -24.52 27.79 1.86
CA VAL C 166 -23.45 28.04 2.81
C VAL C 166 -22.22 27.23 2.48
N ASP C 167 -22.41 26.05 1.86
CA ASP C 167 -21.27 25.27 1.39
C ASP C 167 -20.44 26.06 0.38
N ARG C 168 -21.09 26.63 -0.64
CA ARG C 168 -20.37 27.41 -1.63
C ARG C 168 -19.83 28.71 -1.05
N PHE C 169 -20.53 29.28 -0.06
CA PHE C 169 -20.10 30.55 0.51
C PHE C 169 -18.79 30.38 1.28
N TYR C 170 -18.74 29.40 2.19
CA TYR C 170 -17.55 29.21 3.01
C TYR C 170 -16.43 28.49 2.27
N LYS C 171 -16.75 27.70 1.25
CA LYS C 171 -15.69 27.12 0.42
C LYS C 171 -15.00 28.20 -0.40
N THR C 172 -15.77 29.16 -0.93
CA THR C 172 -15.18 30.26 -1.67
C THR C 172 -14.38 31.17 -0.73
N LEU C 173 -14.96 31.54 0.42
CA LEU C 173 -14.26 32.39 1.37
C LEU C 173 -13.01 31.71 1.91
N ARG C 174 -13.02 30.37 1.96
CA ARG C 174 -11.85 29.63 2.42
C ARG C 174 -10.62 29.97 1.57
N ALA C 175 -10.81 30.09 0.26
CA ALA C 175 -9.70 30.45 -0.62
C ALA C 175 -9.36 31.94 -0.51
N GLU C 176 -10.38 32.81 -0.50
CA GLU C 176 -10.13 34.25 -0.48
C GLU C 176 -9.51 34.68 0.85
N GLN C 177 -9.83 34.00 1.95
CA GLN C 177 -9.31 34.40 3.25
C GLN C 177 -7.86 33.98 3.43
N ALA C 178 -7.52 32.77 3.00
CA ALA C 178 -6.17 32.22 3.11
C ALA C 178 -5.66 32.25 4.55
N ASN C 184 -15.48 37.37 11.35
CA ASN C 184 -15.92 38.66 10.86
C ASN C 184 -17.45 38.69 10.74
N ALA C 185 -18.05 39.82 11.12
CA ALA C 185 -19.49 39.97 11.02
C ALA C 185 -19.94 40.41 9.62
N ALA C 186 -19.10 41.16 8.92
CA ALA C 186 -19.44 41.59 7.56
C ALA C 186 -19.54 40.41 6.60
N THR C 187 -18.77 39.35 6.85
CA THR C 187 -18.93 38.14 6.07
C THR C 187 -20.26 37.45 6.35
N GLU C 188 -20.73 37.54 7.60
CA GLU C 188 -22.00 36.91 7.93
C GLU C 188 -23.18 37.73 7.40
N THR C 189 -23.05 39.06 7.38
CA THR C 189 -24.10 39.88 6.78
C THR C 189 -24.17 39.64 5.27
N LEU C 190 -23.03 39.36 4.63
CA LEU C 190 -23.05 38.99 3.22
C LEU C 190 -23.70 37.63 3.00
N LEU C 191 -23.61 36.74 3.99
CA LEU C 191 -24.30 35.46 3.91
C LEU C 191 -25.80 35.63 3.92
N VAL C 192 -26.30 36.64 4.64
CA VAL C 192 -27.74 36.91 4.66
C VAL C 192 -28.12 37.77 3.46
N GLN C 193 -27.25 38.70 3.06
CA GLN C 193 -27.56 39.61 1.97
C GLN C 193 -27.73 38.86 0.65
N ASN C 194 -27.05 37.73 0.48
CA ASN C 194 -27.02 37.01 -0.78
C ASN C 194 -27.75 35.67 -0.70
N ALA C 195 -28.88 35.64 0.02
CA ALA C 195 -29.71 34.46 0.11
C ALA C 195 -31.00 34.67 -0.70
N ASN C 196 -31.55 33.57 -1.19
CA ASN C 196 -32.81 33.66 -1.92
C ASN C 196 -33.90 34.18 -0.99
N PRO C 197 -34.84 34.98 -1.48
CA PRO C 197 -35.83 35.59 -0.58
C PRO C 197 -36.71 34.58 0.14
N ASP C 198 -36.72 33.32 -0.30
CA ASP C 198 -37.49 32.29 0.40
C ASP C 198 -36.88 32.01 1.77
N CYS C 199 -35.54 32.00 1.86
CA CYS C 199 -34.84 31.77 3.12
C CYS C 199 -34.23 33.04 3.70
N LYS C 200 -33.93 34.05 2.87
CA LYS C 200 -33.36 35.30 3.37
C LYS C 200 -34.26 35.94 4.43
N THR C 201 -35.58 35.94 4.19
CA THR C 201 -36.50 36.44 5.20
C THR C 201 -36.46 35.60 6.47
N ILE C 202 -36.26 34.27 6.32
CA ILE C 202 -36.11 33.41 7.48
C ILE C 202 -34.79 33.66 8.20
N LEU C 203 -33.80 34.23 7.51
CA LEU C 203 -32.54 34.59 8.18
C LEU C 203 -32.73 35.83 9.05
N LYS C 204 -33.40 36.85 8.52
CA LYS C 204 -33.79 37.99 9.33
C LYS C 204 -34.80 37.60 10.40
N ALA C 205 -35.50 36.47 10.21
CA ALA C 205 -36.37 35.95 11.25
C ALA C 205 -35.58 35.60 12.51
N LEU C 206 -34.37 35.04 12.33
CA LEU C 206 -33.53 34.70 13.48
C LEU C 206 -32.92 35.94 14.13
N GLY C 207 -32.80 37.03 13.39
CA GLY C 207 -32.17 38.22 13.93
C GLY C 207 -30.65 38.12 13.85
N PRO C 208 -29.97 39.08 14.44
CA PRO C 208 -28.50 39.08 14.41
C PRO C 208 -27.94 38.21 15.53
N GLY C 209 -26.63 37.96 15.43
CA GLY C 209 -25.89 37.21 16.42
C GLY C 209 -26.48 35.84 16.66
N ALA C 210 -26.43 34.96 15.65
CA ALA C 210 -26.94 33.60 15.76
C ALA C 210 -25.86 32.62 15.31
N THR C 211 -26.01 31.37 15.76
CA THR C 211 -25.09 30.31 15.37
C THR C 211 -25.47 29.75 14.01
N LEU C 212 -24.44 29.33 13.26
CA LEU C 212 -24.69 28.71 11.96
C LEU C 212 -25.55 27.47 12.10
N GLU C 213 -25.51 26.80 13.26
CA GLU C 213 -26.40 25.67 13.49
C GLU C 213 -27.86 26.10 13.40
N GLU C 214 -28.21 27.20 14.08
CA GLU C 214 -29.58 27.70 14.01
C GLU C 214 -29.88 28.30 12.63
N MET C 215 -28.90 28.99 12.05
CA MET C 215 -29.13 29.65 10.77
C MET C 215 -29.42 28.64 9.66
N MET C 216 -28.88 27.43 9.77
CA MET C 216 -29.12 26.39 8.78
C MET C 216 -30.31 25.51 9.15
N THR C 217 -30.51 25.24 10.43
CA THR C 217 -31.61 24.39 10.85
C THR C 217 -32.95 25.03 10.53
N ALA C 218 -33.05 26.35 10.70
CA ALA C 218 -34.34 27.03 10.50
C ALA C 218 -34.79 26.97 9.05
N CYS C 219 -33.91 27.35 8.11
CA CYS C 219 -34.30 27.39 6.71
C CYS C 219 -34.47 26.00 6.10
N GLN C 220 -34.02 24.94 6.76
CA GLN C 220 -34.12 23.58 6.22
C GLN C 220 -35.58 23.19 5.94
N PRO D 2 -3.68 -1.71 19.95
CA PRO D 2 -3.58 -3.08 20.47
C PRO D 2 -2.37 -3.25 21.38
N ILE D 3 -2.30 -4.38 22.09
CA ILE D 3 -1.19 -4.68 22.99
C ILE D 3 -0.18 -5.51 22.21
N VAL D 4 0.90 -4.87 21.77
CA VAL D 4 1.93 -5.52 20.99
C VAL D 4 3.17 -5.73 21.86
N GLN D 5 4.15 -6.43 21.30
CA GLN D 5 5.43 -6.66 21.98
C GLN D 5 6.40 -5.56 21.59
N ASN D 6 6.91 -4.85 22.59
CA ASN D 6 8.02 -3.94 22.37
C ASN D 6 9.18 -4.70 21.75
N LEU D 7 10.01 -3.99 20.97
CA LEU D 7 11.21 -4.60 20.45
C LEU D 7 12.09 -5.15 21.57
N GLN D 8 12.10 -4.47 22.72
CA GLN D 8 12.72 -5.03 23.90
C GLN D 8 12.08 -6.34 24.31
N GLY D 9 10.75 -6.39 24.32
CA GLY D 9 10.03 -7.59 24.73
C GLY D 9 9.00 -7.30 25.79
N GLN D 10 8.59 -6.04 25.90
CA GLN D 10 7.61 -5.61 26.89
C GLN D 10 6.26 -5.39 26.22
N MET D 11 5.20 -5.84 26.86
CA MET D 11 3.85 -5.67 26.31
C MET D 11 3.46 -4.19 26.40
N VAL D 12 3.41 -3.52 25.26
CA VAL D 12 3.13 -2.09 25.19
C VAL D 12 1.91 -1.86 24.30
N HIS D 13 1.26 -0.72 24.51
CA HIS D 13 0.06 -0.37 23.77
C HIS D 13 0.40 0.47 22.56
N GLN D 14 -0.33 0.25 21.47
CA GLN D 14 -0.17 0.99 20.23
C GLN D 14 -1.53 1.41 19.70
N CYS D 15 -1.50 2.37 18.77
CA CYS D 15 -2.71 2.78 18.10
C CYS D 15 -3.19 1.69 17.14
N ILE D 16 -4.48 1.66 16.89
CA ILE D 16 -5.02 0.76 15.88
C ILE D 16 -4.55 1.22 14.51
N SER D 17 -4.03 0.28 13.72
CA SER D 17 -3.38 0.63 12.47
C SER D 17 -4.40 1.21 11.50
N PRO D 18 -4.09 2.32 10.82
CA PRO D 18 -5.02 2.81 9.78
C PRO D 18 -5.27 1.78 8.69
N ARG D 19 -4.33 0.89 8.45
CA ARG D 19 -4.55 -0.19 7.48
C ARG D 19 -5.49 -1.24 8.04
N THR D 20 -5.32 -1.61 9.32
CA THR D 20 -6.20 -2.60 9.93
C THR D 20 -7.63 -2.09 10.04
N LEU D 21 -7.81 -0.78 10.24
CA LEU D 21 -9.14 -0.21 10.28
C LEU D 21 -9.86 -0.38 8.95
N ASN D 22 -9.33 0.24 7.89
CA ASN D 22 -9.97 0.16 6.59
C ASN D 22 -10.08 -1.28 6.08
N ALA D 23 -9.23 -2.18 6.57
CA ALA D 23 -9.37 -3.59 6.20
C ALA D 23 -10.69 -4.15 6.71
N TRP D 24 -11.04 -3.86 7.96
CA TRP D 24 -12.27 -4.41 8.52
C TRP D 24 -13.51 -3.80 7.88
N VAL D 25 -13.48 -2.49 7.62
CA VAL D 25 -14.64 -1.83 7.01
C VAL D 25 -14.88 -2.36 5.61
N LYS D 26 -13.83 -2.60 4.85
CA LYS D 26 -13.99 -3.08 3.48
C LYS D 26 -14.40 -4.55 3.44
N VAL D 27 -14.08 -5.32 4.47
CA VAL D 27 -14.54 -6.70 4.51
C VAL D 27 -16.05 -6.76 4.66
N VAL D 28 -16.61 -5.90 5.51
CA VAL D 28 -18.06 -5.85 5.68
C VAL D 28 -18.73 -5.36 4.41
N GLU D 29 -18.15 -4.36 3.75
CA GLU D 29 -18.72 -3.83 2.50
C GLU D 29 -18.73 -4.86 1.38
N GLU D 30 -17.98 -5.95 1.51
CA GLU D 30 -17.87 -6.94 0.43
C GLU D 30 -18.48 -8.26 0.86
N LYS D 31 -17.78 -9.01 1.71
CA LYS D 31 -18.26 -10.33 2.13
C LYS D 31 -19.62 -10.23 2.82
N ALA D 32 -19.83 -9.15 3.59
CA ALA D 32 -21.11 -8.85 4.22
C ALA D 32 -21.65 -10.07 4.98
N PHE D 33 -20.95 -10.37 6.07
CA PHE D 33 -21.29 -11.46 6.98
C PHE D 33 -21.25 -12.82 6.30
N SER D 34 -20.53 -12.95 5.19
CA SER D 34 -20.17 -14.25 4.67
C SER D 34 -19.33 -14.99 5.71
N PRO D 35 -19.40 -16.34 5.74
CA PRO D 35 -18.71 -17.12 6.79
C PRO D 35 -17.27 -16.71 7.10
N GLU D 36 -16.54 -16.23 6.09
CA GLU D 36 -15.16 -15.80 6.28
C GLU D 36 -15.03 -14.44 6.96
N VAL D 37 -16.12 -13.82 7.39
CA VAL D 37 -16.03 -12.53 8.08
C VAL D 37 -15.54 -12.74 9.51
N ILE D 38 -15.92 -13.85 10.12
CA ILE D 38 -15.48 -14.19 11.47
C ILE D 38 -13.96 -14.29 11.51
N PRO D 39 -13.31 -15.12 10.66
CA PRO D 39 -11.85 -15.23 10.77
C PRO D 39 -11.13 -13.91 10.54
N MET D 40 -11.63 -13.07 9.63
CA MET D 40 -10.97 -11.80 9.37
C MET D 40 -11.05 -10.89 10.60
N PHE D 41 -12.18 -10.91 11.31
CA PHE D 41 -12.31 -10.09 12.50
C PHE D 41 -11.35 -10.53 13.59
N SER D 42 -11.32 -11.84 13.89
CA SER D 42 -10.41 -12.34 14.91
C SER D 42 -8.96 -12.07 14.56
N ALA D 43 -8.62 -12.10 13.27
CA ALA D 43 -7.25 -11.81 12.86
C ALA D 43 -6.93 -10.34 12.98
N LEU D 44 -7.81 -9.48 12.47
CA LEU D 44 -7.57 -8.03 12.50
C LEU D 44 -7.63 -7.47 13.91
N SER D 45 -8.31 -8.15 14.84
CA SER D 45 -8.35 -7.75 16.24
C SER D 45 -7.32 -8.50 17.08
N CYS D 46 -6.21 -8.90 16.46
CA CYS D 46 -5.17 -9.64 17.16
C CYS D 46 -4.61 -8.81 18.31
N GLY D 47 -4.82 -9.30 19.54
CA GLY D 47 -4.36 -8.60 20.72
C GLY D 47 -4.93 -7.21 20.86
N ALA D 48 -6.23 -7.06 20.67
CA ALA D 48 -6.88 -5.76 20.73
C ALA D 48 -7.51 -5.55 22.10
N THR D 49 -7.38 -4.33 22.62
CA THR D 49 -8.08 -3.98 23.85
C THR D 49 -9.58 -3.91 23.58
N PRO D 50 -10.40 -4.10 24.61
CA PRO D 50 -11.86 -3.95 24.41
C PRO D 50 -12.25 -2.62 23.80
N GLN D 51 -11.51 -1.55 24.11
CA GLN D 51 -11.77 -0.26 23.48
C GLN D 51 -11.54 -0.33 21.98
N ASP D 52 -10.46 -1.00 21.55
CA ASP D 52 -10.23 -1.18 20.12
C ASP D 52 -11.31 -2.05 19.50
N LEU D 53 -11.76 -3.09 20.22
CA LEU D 53 -12.81 -3.95 19.71
C LEU D 53 -14.11 -3.18 19.49
N ASN D 54 -14.38 -2.20 20.36
CA ASN D 54 -15.56 -1.35 20.15
C ASN D 54 -15.37 -0.46 18.93
N THR D 55 -14.16 0.05 18.74
CA THR D 55 -13.90 0.91 17.59
C THR D 55 -14.10 0.16 16.28
N MET D 56 -13.61 -1.08 16.20
CA MET D 56 -13.81 -1.87 14.99
C MET D 56 -15.30 -2.14 14.76
N LEU D 57 -16.04 -2.47 15.81
CA LEU D 57 -17.45 -2.79 15.65
C LEU D 57 -18.32 -1.57 15.43
N ASN D 58 -17.81 -0.36 15.64
CA ASN D 58 -18.57 0.86 15.39
C ASN D 58 -18.30 1.47 14.02
N THR D 59 -17.22 1.07 13.35
CA THR D 59 -16.89 1.61 12.05
C THR D 59 -17.61 0.91 10.90
N VAL D 60 -18.33 -0.18 11.18
CA VAL D 60 -19.03 -0.91 10.13
C VAL D 60 -20.11 -0.01 9.53
N GLY D 61 -20.16 0.03 8.20
CA GLY D 61 -21.19 0.78 7.52
C GLY D 61 -22.45 -0.03 7.37
N GLY D 62 -23.56 0.48 7.89
CA GLY D 62 -24.80 -0.25 7.76
C GLY D 62 -24.83 -1.49 8.65
N HIS D 63 -25.76 -2.38 8.33
CA HIS D 63 -25.99 -3.60 9.10
C HIS D 63 -26.25 -3.30 10.58
N GLN D 64 -26.88 -2.15 10.84
CA GLN D 64 -27.09 -1.71 12.21
C GLN D 64 -28.03 -2.63 12.99
N ALA D 65 -28.92 -3.33 12.28
CA ALA D 65 -29.80 -4.29 12.95
C ALA D 65 -28.99 -5.44 13.53
N ALA D 66 -28.05 -5.98 12.75
CA ALA D 66 -27.18 -7.03 13.23
C ALA D 66 -26.32 -6.54 14.39
N MET D 67 -26.01 -5.24 14.42
CA MET D 67 -25.20 -4.69 15.50
C MET D 67 -25.94 -4.73 16.82
N GLN D 68 -27.23 -4.38 16.82
CA GLN D 68 -28.02 -4.44 18.05
C GLN D 68 -28.16 -5.87 18.54
N MET D 69 -28.27 -6.83 17.61
CA MET D 69 -28.31 -8.23 18.01
C MET D 69 -26.98 -8.65 18.62
N LEU D 70 -25.87 -8.12 18.10
CA LEU D 70 -24.57 -8.40 18.70
C LEU D 70 -24.47 -7.79 20.10
N LYS D 71 -24.97 -6.57 20.26
CA LYS D 71 -24.95 -5.92 21.58
C LYS D 71 -25.78 -6.72 22.58
N GLU D 72 -26.91 -7.28 22.14
CA GLU D 72 -27.71 -8.12 23.03
C GLU D 72 -26.97 -9.39 23.40
N THR D 73 -26.30 -10.03 22.44
CA THR D 73 -25.52 -11.23 22.73
C THR D 73 -24.39 -10.91 23.70
N ILE D 74 -23.81 -9.71 23.60
CA ILE D 74 -22.76 -9.30 24.52
C ILE D 74 -23.31 -9.18 25.94
N ASN D 75 -24.47 -8.51 26.07
CA ASN D 75 -25.07 -8.31 27.38
C ASN D 75 -25.38 -9.64 28.06
N GLU D 76 -25.82 -10.63 27.29
CA GLU D 76 -26.12 -11.94 27.85
C GLU D 76 -24.87 -12.62 28.40
N GLU D 77 -23.81 -12.67 27.58
CA GLU D 77 -22.57 -13.31 28.03
C GLU D 77 -21.92 -12.53 29.17
N ALA D 78 -22.10 -11.21 29.20
CA ALA D 78 -21.53 -10.41 30.28
C ALA D 78 -22.26 -10.67 31.59
N ALA D 79 -23.59 -10.83 31.54
CA ALA D 79 -24.35 -11.11 32.75
C ALA D 79 -23.99 -12.48 33.31
N GLU D 80 -23.78 -13.47 32.43
CA GLU D 80 -23.36 -14.78 32.91
C GLU D 80 -21.96 -14.72 33.52
N TRP D 81 -21.10 -13.85 33.01
CA TRP D 81 -19.81 -13.62 33.64
C TRP D 81 -19.99 -13.03 35.04
N ASP D 82 -20.92 -12.08 35.18
CA ASP D 82 -21.24 -11.51 36.49
C ASP D 82 -21.86 -12.54 37.43
N ARG D 83 -22.25 -13.71 36.92
CA ARG D 83 -22.81 -14.79 37.73
C ARG D 83 -21.73 -15.79 38.12
N LEU D 84 -21.01 -16.34 37.13
CA LEU D 84 -19.95 -17.31 37.43
C LEU D 84 -18.81 -16.69 38.23
N HIS D 85 -18.61 -15.38 38.13
CA HIS D 85 -17.53 -14.69 38.82
C HIS D 85 -18.12 -13.49 39.57
N PRO D 86 -18.63 -13.71 40.78
CA PRO D 86 -19.14 -12.58 41.56
C PRO D 86 -18.01 -11.68 42.02
N VAL D 87 -18.28 -10.38 42.07
CA VAL D 87 -17.29 -9.40 42.49
C VAL D 87 -17.20 -9.41 44.02
N HIS D 88 -16.00 -9.68 44.53
CA HIS D 88 -15.76 -9.75 45.98
C HIS D 88 -15.15 -8.44 46.46
N ALA D 89 -15.66 -7.94 47.58
CA ALA D 89 -15.14 -6.72 48.18
C ALA D 89 -15.08 -6.85 49.70
N GLY D 95 -2.44 -5.75 46.65
CA GLY D 95 -1.63 -5.17 45.60
C GLY D 95 -1.75 -5.82 44.23
N GLN D 96 -2.98 -5.95 43.74
CA GLN D 96 -3.27 -6.57 42.46
C GLN D 96 -4.31 -5.73 41.74
N MET D 97 -4.91 -6.32 40.70
CA MET D 97 -5.93 -5.67 39.90
C MET D 97 -7.31 -6.10 40.37
N ARG D 98 -8.26 -5.16 40.35
CA ARG D 98 -9.62 -5.47 40.77
C ARG D 98 -10.26 -6.48 39.81
N GLU D 99 -11.14 -7.31 40.35
CA GLU D 99 -11.82 -8.31 39.56
C GLU D 99 -12.70 -7.64 38.51
N PRO D 100 -12.52 -7.93 37.22
CA PRO D 100 -13.31 -7.25 36.20
C PRO D 100 -14.70 -7.84 36.07
N ARG D 101 -15.69 -6.96 35.98
CA ARG D 101 -17.04 -7.41 35.69
C ARG D 101 -17.31 -7.34 34.20
N GLY D 102 -18.43 -7.93 33.78
CA GLY D 102 -18.72 -8.04 32.36
C GLY D 102 -18.78 -6.71 31.65
N SER D 103 -19.27 -5.66 32.32
CA SER D 103 -19.31 -4.35 31.70
C SER D 103 -17.93 -3.77 31.49
N ASP D 104 -16.96 -4.16 32.32
CA ASP D 104 -15.57 -3.78 32.08
C ASP D 104 -15.02 -4.50 30.86
N ILE D 105 -15.28 -5.81 30.74
CA ILE D 105 -14.77 -6.59 29.62
C ILE D 105 -15.33 -6.08 28.30
N ALA D 106 -16.55 -5.51 28.33
CA ALA D 106 -17.14 -4.98 27.11
C ALA D 106 -16.66 -3.58 26.77
N GLY D 107 -16.05 -2.89 27.73
CA GLY D 107 -15.57 -1.53 27.50
C GLY D 107 -16.56 -0.44 27.80
N THR D 108 -17.65 -0.75 28.51
CA THR D 108 -18.65 0.26 28.87
C THR D 108 -18.29 1.00 30.14
N THR D 109 -17.76 0.28 31.13
CA THR D 109 -17.45 0.83 32.45
C THR D 109 -16.00 0.63 32.83
N SER D 110 -15.10 0.60 31.85
CA SER D 110 -13.68 0.46 32.10
C SER D 110 -12.90 1.46 31.26
N THR D 111 -11.75 1.87 31.78
CA THR D 111 -10.85 2.78 31.10
C THR D 111 -9.79 2.01 30.34
N LEU D 112 -9.10 2.70 29.42
CA LEU D 112 -8.04 2.05 28.66
C LEU D 112 -6.90 1.59 29.58
N GLN D 113 -6.62 2.36 30.64
CA GLN D 113 -5.58 1.95 31.57
C GLN D 113 -5.95 0.67 32.29
N GLU D 114 -7.22 0.52 32.67
CA GLU D 114 -7.67 -0.72 33.30
C GLU D 114 -7.61 -1.88 32.32
N GLN D 115 -8.07 -1.67 31.09
CA GLN D 115 -8.04 -2.74 30.09
C GLN D 115 -6.61 -3.21 29.82
N ILE D 116 -5.67 -2.28 29.72
CA ILE D 116 -4.27 -2.67 29.54
C ILE D 116 -3.74 -3.34 30.80
N GLY D 117 -4.20 -2.90 31.97
CA GLY D 117 -3.70 -3.47 33.21
C GLY D 117 -4.02 -4.94 33.37
N TRP D 118 -5.23 -5.34 32.97
CA TRP D 118 -5.60 -6.76 33.06
C TRP D 118 -4.81 -7.59 32.07
N MET D 119 -4.60 -7.08 30.85
CA MET D 119 -3.92 -7.85 29.82
C MET D 119 -2.44 -7.95 30.10
N THR D 120 -1.81 -6.86 30.54
CA THR D 120 -0.38 -6.84 30.84
C THR D 120 -0.22 -6.98 32.35
N HIS D 121 -0.35 -8.21 32.82
CA HIS D 121 -0.22 -8.53 34.24
C HIS D 121 0.31 -9.95 34.36
N ASN D 122 1.11 -10.20 35.40
CA ASN D 122 1.74 -11.51 35.54
C ASN D 122 0.72 -12.64 35.62
N PRO D 123 -0.38 -12.53 36.38
CA PRO D 123 -1.53 -13.37 36.10
C PRO D 123 -2.46 -12.68 35.12
N PRO D 124 -2.35 -12.99 33.83
CA PRO D 124 -3.06 -12.19 32.82
C PRO D 124 -4.56 -12.46 32.84
N ILE D 125 -5.33 -11.38 32.84
CA ILE D 125 -6.78 -11.45 32.63
C ILE D 125 -7.06 -10.92 31.23
N PRO D 126 -7.14 -11.78 30.21
CA PRO D 126 -7.29 -11.30 28.83
C PRO D 126 -8.69 -10.76 28.55
N VAL D 127 -8.95 -9.52 28.97
CA VAL D 127 -10.26 -8.91 28.75
C VAL D 127 -10.53 -8.62 27.29
N GLY D 128 -9.52 -8.74 26.43
CA GLY D 128 -9.70 -8.57 25.01
C GLY D 128 -10.14 -9.87 24.34
N GLU D 129 -9.55 -10.99 24.77
CA GLU D 129 -9.86 -12.28 24.15
C GLU D 129 -11.20 -12.83 24.63
N ILE D 130 -11.55 -12.57 25.89
CA ILE D 130 -12.88 -12.96 26.37
C ILE D 130 -13.95 -12.15 25.64
N TYR D 131 -13.76 -10.84 25.55
CA TYR D 131 -14.69 -10.00 24.81
C TYR D 131 -14.77 -10.42 23.35
N LYS D 132 -13.63 -10.79 22.75
CA LYS D 132 -13.63 -11.24 21.36
C LYS D 132 -14.40 -12.55 21.21
N ARG D 133 -14.38 -13.41 22.24
CA ARG D 133 -15.18 -14.62 22.20
C ARG D 133 -16.66 -14.30 22.20
N TRP D 134 -17.07 -13.28 22.97
CA TRP D 134 -18.46 -12.86 22.95
C TRP D 134 -18.85 -12.28 21.59
N ILE D 135 -17.95 -11.48 21.00
CA ILE D 135 -18.24 -10.88 19.69
C ILE D 135 -18.32 -11.95 18.62
N ILE D 136 -17.44 -12.96 18.69
CA ILE D 136 -17.48 -14.04 17.71
C ILE D 136 -18.76 -14.85 17.85
N LEU D 137 -19.22 -15.08 19.09
CA LEU D 137 -20.45 -15.82 19.31
C LEU D 137 -21.65 -15.10 18.70
N GLY D 138 -21.73 -13.79 18.91
CA GLY D 138 -22.82 -13.02 18.32
C GLY D 138 -22.68 -12.86 16.83
N LEU D 139 -21.45 -12.79 16.31
CA LEU D 139 -21.26 -12.71 14.87
C LEU D 139 -21.70 -13.99 14.19
N ASN D 140 -21.43 -15.15 14.81
CA ASN D 140 -21.90 -16.41 14.24
C ASN D 140 -23.42 -16.45 14.12
N LYS D 141 -24.12 -15.82 15.08
CA LYS D 141 -25.57 -15.71 14.97
C LYS D 141 -25.96 -14.91 13.73
N ILE D 142 -25.26 -13.80 13.47
CA ILE D 142 -25.57 -12.97 12.33
C ILE D 142 -25.31 -13.72 11.02
N VAL D 143 -24.29 -14.58 11.00
CA VAL D 143 -23.99 -15.35 9.79
C VAL D 143 -25.14 -16.30 9.48
N ARG D 144 -25.75 -16.88 10.51
CA ARG D 144 -26.90 -17.76 10.29
C ARG D 144 -28.09 -16.98 9.74
N MET D 145 -28.35 -15.79 10.29
CA MET D 145 -29.49 -14.99 9.83
C MET D 145 -29.31 -14.58 8.38
N TYR D 146 -28.11 -14.12 8.00
CA TYR D 146 -27.84 -13.72 6.63
C TYR D 146 -27.73 -14.90 5.68
N SER D 147 -27.71 -16.13 6.20
CA SER D 147 -27.68 -17.31 5.33
C SER D 147 -29.00 -17.42 4.57
N PRO D 148 -29.00 -17.32 3.24
CA PRO D 148 -30.27 -17.32 2.52
C PRO D 148 -30.94 -18.67 2.46
N THR D 149 -30.17 -19.74 2.32
CA THR D 149 -30.71 -21.09 2.17
C THR D 149 -30.25 -21.97 3.33
N SER D 150 -30.96 -23.07 3.53
CA SER D 150 -30.64 -24.04 4.57
C SER D 150 -29.94 -25.26 3.98
N ILE D 151 -29.23 -25.98 4.84
CA ILE D 151 -28.48 -27.16 4.38
C ILE D 151 -29.42 -28.25 3.90
N LEU D 152 -30.69 -28.23 4.32
CA LEU D 152 -31.64 -29.22 3.85
C LEU D 152 -32.24 -28.88 2.49
N ASP D 153 -32.08 -27.63 2.05
CA ASP D 153 -32.63 -27.18 0.77
C ASP D 153 -31.56 -27.08 -0.32
N ILE D 154 -30.37 -27.61 -0.07
CA ILE D 154 -29.26 -27.59 -1.03
C ILE D 154 -29.29 -28.92 -1.76
N ARG D 155 -29.78 -28.91 -3.00
CA ARG D 155 -29.86 -30.10 -3.83
C ARG D 155 -29.23 -29.82 -5.17
N GLN D 156 -28.49 -30.81 -5.69
CA GLN D 156 -27.79 -30.66 -6.95
C GLN D 156 -28.80 -30.57 -8.10
N GLY D 157 -28.78 -29.43 -8.78
CA GLY D 157 -29.55 -29.24 -9.99
C GLY D 157 -29.19 -30.26 -11.05
N PRO D 158 -30.15 -30.58 -11.90
CA PRO D 158 -29.95 -31.68 -12.86
C PRO D 158 -28.70 -31.55 -13.72
N LYS D 159 -28.35 -30.34 -14.15
CA LYS D 159 -27.13 -30.13 -14.93
C LYS D 159 -25.94 -29.70 -14.07
N GLU D 160 -26.19 -28.93 -13.01
CA GLU D 160 -25.20 -28.42 -12.07
C GLU D 160 -24.16 -29.49 -11.78
N PRO D 161 -22.89 -29.21 -12.05
CA PRO D 161 -21.85 -30.21 -11.80
C PRO D 161 -21.74 -30.54 -10.32
N PHE D 162 -21.14 -31.68 -10.04
CA PHE D 162 -21.01 -32.12 -8.65
C PHE D 162 -20.16 -31.14 -7.85
N ARG D 163 -19.00 -30.76 -8.40
CA ARG D 163 -18.14 -29.80 -7.72
C ARG D 163 -18.89 -28.52 -7.38
N ASP D 164 -19.72 -28.04 -8.31
CA ASP D 164 -20.50 -26.84 -8.05
C ASP D 164 -21.53 -27.07 -6.97
N TYR D 165 -22.06 -28.29 -6.85
CA TYR D 165 -23.02 -28.60 -5.80
C TYR D 165 -22.35 -28.68 -4.44
N VAL D 166 -21.22 -29.38 -4.36
CA VAL D 166 -20.48 -29.49 -3.11
C VAL D 166 -19.94 -28.14 -2.67
N ASP D 167 -19.73 -27.22 -3.62
CA ASP D 167 -19.35 -25.85 -3.26
C ASP D 167 -20.45 -25.18 -2.44
N ARG D 168 -21.69 -25.25 -2.93
CA ARG D 168 -22.79 -24.62 -2.21
C ARG D 168 -23.14 -25.36 -0.92
N PHE D 169 -22.91 -26.68 -0.89
CA PHE D 169 -23.26 -27.47 0.29
C PHE D 169 -22.45 -27.03 1.50
N TYR D 170 -21.12 -27.07 1.38
CA TYR D 170 -20.27 -26.67 2.50
C TYR D 170 -20.24 -25.17 2.72
N LYS D 171 -20.57 -24.38 1.69
CA LYS D 171 -20.72 -22.94 1.88
C LYS D 171 -21.87 -22.62 2.84
N THR D 172 -23.01 -23.27 2.63
CA THR D 172 -24.15 -23.05 3.52
C THR D 172 -23.94 -23.71 4.88
N LEU D 173 -23.33 -24.91 4.90
CA LEU D 173 -23.04 -25.57 6.16
C LEU D 173 -22.08 -24.76 7.01
N ARG D 174 -21.14 -24.06 6.38
CA ARG D 174 -20.21 -23.23 7.14
C ARG D 174 -20.92 -22.04 7.78
N ALA D 175 -22.01 -21.57 7.18
CA ALA D 175 -22.82 -20.52 7.77
C ALA D 175 -23.85 -21.05 8.77
N GLU D 176 -24.07 -22.37 8.80
CA GLU D 176 -25.05 -22.95 9.70
C GLU D 176 -24.41 -23.51 10.96
N GLN D 177 -23.57 -24.54 10.80
CA GLN D 177 -22.87 -25.11 11.95
C GLN D 177 -22.12 -24.04 12.71
N ALA D 178 -21.35 -23.21 11.99
CA ALA D 178 -20.69 -22.03 12.54
C ALA D 178 -19.90 -22.32 13.83
N ASN D 184 -19.32 -35.02 11.11
CA ASN D 184 -20.68 -35.51 11.00
C ASN D 184 -20.84 -36.37 9.76
N ALA D 185 -21.44 -37.55 9.94
CA ALA D 185 -21.75 -38.43 8.82
C ALA D 185 -23.13 -38.18 8.23
N ALA D 186 -24.04 -37.57 8.99
CA ALA D 186 -25.34 -37.21 8.45
C ALA D 186 -25.21 -36.14 7.38
N THR D 187 -24.19 -35.27 7.49
CA THR D 187 -23.93 -34.32 6.41
C THR D 187 -23.39 -35.03 5.17
N GLU D 188 -22.63 -36.11 5.36
CA GLU D 188 -22.14 -36.89 4.22
C GLU D 188 -23.29 -37.56 3.48
N THR D 189 -24.20 -38.19 4.23
CA THR D 189 -25.37 -38.80 3.62
C THR D 189 -26.25 -37.74 2.98
N LEU D 190 -26.42 -36.59 3.64
CA LEU D 190 -27.19 -35.50 3.06
C LEU D 190 -26.56 -34.99 1.77
N LEU D 191 -25.24 -35.09 1.66
CA LEU D 191 -24.56 -34.67 0.44
C LEU D 191 -24.87 -35.63 -0.71
N VAL D 192 -24.72 -36.93 -0.47
CA VAL D 192 -24.99 -37.93 -1.49
C VAL D 192 -26.48 -37.91 -1.88
N GLN D 193 -27.34 -37.82 -0.88
CA GLN D 193 -28.78 -37.97 -1.07
C GLN D 193 -29.42 -36.75 -1.74
N ASN D 194 -28.82 -35.58 -1.64
CA ASN D 194 -29.35 -34.40 -2.31
C ASN D 194 -28.76 -34.19 -3.69
N ALA D 195 -27.95 -35.12 -4.18
CA ALA D 195 -27.37 -35.00 -5.51
C ALA D 195 -28.40 -35.38 -6.57
N ASN D 196 -28.12 -34.98 -7.81
CA ASN D 196 -29.02 -35.34 -8.91
C ASN D 196 -28.89 -36.82 -9.22
N PRO D 197 -29.97 -37.47 -9.69
CA PRO D 197 -30.08 -38.93 -9.57
C PRO D 197 -28.97 -39.72 -10.24
N ASP D 198 -28.51 -39.31 -11.43
CA ASP D 198 -27.47 -40.07 -12.12
C ASP D 198 -26.19 -40.13 -11.28
N CYS D 199 -25.76 -38.99 -10.76
CA CYS D 199 -24.57 -38.94 -9.93
C CYS D 199 -24.81 -39.62 -8.59
N LYS D 200 -26.00 -39.47 -8.01
CA LYS D 200 -26.31 -40.10 -6.74
C LYS D 200 -26.16 -41.61 -6.82
N THR D 201 -26.55 -42.20 -7.94
CA THR D 201 -26.36 -43.63 -8.13
C THR D 201 -24.88 -43.99 -8.26
N ILE D 202 -24.09 -43.11 -8.87
CA ILE D 202 -22.64 -43.33 -8.95
C ILE D 202 -22.02 -43.25 -7.56
N LEU D 203 -22.48 -42.31 -6.74
CA LEU D 203 -21.97 -42.19 -5.38
C LEU D 203 -22.27 -43.44 -4.57
N LYS D 204 -23.50 -43.96 -4.67
CA LYS D 204 -23.84 -45.22 -4.02
C LYS D 204 -23.04 -46.38 -4.61
N ALA D 205 -22.74 -46.31 -5.91
CA ALA D 205 -21.93 -47.35 -6.54
C ALA D 205 -20.50 -47.34 -6.02
N LEU D 206 -20.02 -46.21 -5.49
CA LEU D 206 -18.70 -46.19 -4.89
C LEU D 206 -18.68 -46.91 -3.54
N GLY D 207 -19.84 -46.99 -2.87
CA GLY D 207 -19.91 -47.64 -1.58
C GLY D 207 -19.54 -46.73 -0.44
N PRO D 208 -19.27 -47.30 0.72
CA PRO D 208 -18.90 -46.49 1.88
C PRO D 208 -17.42 -46.18 1.89
N GLY D 209 -16.95 -45.51 2.94
CA GLY D 209 -15.54 -45.19 3.09
C GLY D 209 -14.99 -44.44 1.90
N ALA D 210 -15.72 -43.41 1.46
CA ALA D 210 -15.36 -42.64 0.28
C ALA D 210 -14.85 -41.27 0.68
N THR D 211 -13.66 -40.92 0.20
CA THR D 211 -13.12 -39.58 0.41
C THR D 211 -13.78 -38.61 -0.56
N LEU D 212 -13.94 -37.35 -0.12
CA LEU D 212 -14.50 -36.32 -0.99
C LEU D 212 -13.73 -36.22 -2.30
N GLU D 213 -12.42 -36.56 -2.27
CA GLU D 213 -11.65 -36.64 -3.50
C GLU D 213 -12.19 -37.70 -4.44
N GLU D 214 -12.54 -38.87 -3.91
CA GLU D 214 -13.02 -39.97 -4.74
C GLU D 214 -14.42 -39.69 -5.29
N MET D 215 -15.35 -39.27 -4.42
CA MET D 215 -16.72 -39.07 -4.87
C MET D 215 -16.86 -37.86 -5.80
N MET D 216 -15.90 -36.93 -5.76
CA MET D 216 -15.86 -35.86 -6.75
C MET D 216 -15.10 -36.27 -8.01
N THR D 217 -14.25 -37.30 -7.92
CA THR D 217 -13.55 -37.79 -9.10
C THR D 217 -14.48 -38.65 -9.97
N ALA D 218 -15.17 -39.61 -9.35
CA ALA D 218 -16.03 -40.51 -10.11
C ALA D 218 -17.20 -39.76 -10.75
N CYS D 219 -17.91 -38.96 -9.95
CA CYS D 219 -19.04 -38.19 -10.45
C CYS D 219 -18.50 -36.86 -10.97
N GLN D 220 -17.99 -36.91 -12.20
CA GLN D 220 -17.45 -35.74 -12.87
C GLN D 220 -18.08 -35.57 -14.24
N PRO E 2 2.67 -14.58 12.90
CA PRO E 2 3.60 -15.71 12.84
C PRO E 2 4.70 -15.60 13.88
N ILE E 3 5.81 -16.33 13.68
CA ILE E 3 6.96 -16.33 14.58
C ILE E 3 8.09 -15.63 13.83
N VAL E 4 8.45 -14.45 14.34
CA VAL E 4 9.45 -13.61 13.72
C VAL E 4 10.68 -13.55 14.63
N GLN E 5 11.68 -12.83 14.16
CA GLN E 5 13.01 -12.77 14.74
C GLN E 5 13.19 -11.33 15.21
N ASN E 6 13.23 -11.14 16.53
CA ASN E 6 13.18 -9.84 17.18
C ASN E 6 14.45 -9.05 16.87
N LEU E 7 14.39 -7.72 17.01
CA LEU E 7 15.59 -6.92 16.81
C LEU E 7 16.69 -7.32 17.79
N GLN E 8 16.32 -7.68 19.02
CA GLN E 8 17.23 -8.24 20.01
C GLN E 8 17.57 -9.69 19.74
N GLY E 9 17.34 -10.18 18.52
CA GLY E 9 17.70 -11.55 18.23
C GLY E 9 16.94 -12.62 18.99
N GLN E 10 15.60 -12.61 18.91
CA GLN E 10 14.81 -13.55 19.68
C GLN E 10 13.56 -13.93 18.90
N MET E 11 13.30 -15.23 18.78
CA MET E 11 12.10 -15.69 18.10
C MET E 11 10.87 -15.31 18.92
N VAL E 12 10.15 -14.28 18.48
CA VAL E 12 8.98 -13.77 19.18
C VAL E 12 7.75 -13.98 18.30
N HIS E 13 6.58 -13.65 18.86
CA HIS E 13 5.32 -13.81 18.16
C HIS E 13 4.81 -12.47 17.67
N GLN E 14 4.32 -12.46 16.44
CA GLN E 14 3.79 -11.25 15.81
C GLN E 14 2.39 -11.56 15.29
N CYS E 15 1.57 -10.52 15.19
CA CYS E 15 0.23 -10.69 14.65
C CYS E 15 0.29 -10.87 13.13
N ILE E 16 -0.60 -11.73 12.61
CA ILE E 16 -0.65 -11.97 11.18
C ILE E 16 -0.91 -10.66 10.45
N SER E 17 -0.16 -10.44 9.38
CA SER E 17 -0.19 -9.14 8.71
C SER E 17 -1.48 -8.99 7.91
N PRO E 18 -2.16 -7.84 7.99
CA PRO E 18 -3.33 -7.63 7.13
C PRO E 18 -2.99 -7.73 5.65
N ARG E 19 -1.89 -7.12 5.23
CA ARG E 19 -1.48 -7.18 3.83
C ARG E 19 -1.21 -8.62 3.40
N THR E 20 -0.63 -9.42 4.30
CA THR E 20 -0.38 -10.82 3.99
C THR E 20 -1.68 -11.59 3.83
N LEU E 21 -2.68 -11.29 4.67
CA LEU E 21 -3.98 -11.94 4.54
C LEU E 21 -4.66 -11.56 3.22
N ASN E 22 -4.78 -10.26 2.95
CA ASN E 22 -5.48 -9.81 1.76
C ASN E 22 -4.80 -10.35 0.50
N ALA E 23 -3.47 -10.44 0.51
CA ALA E 23 -2.76 -10.99 -0.64
C ALA E 23 -3.14 -12.45 -0.89
N TRP E 24 -3.28 -13.23 0.19
CA TRP E 24 -3.64 -14.64 0.03
C TRP E 24 -5.07 -14.79 -0.46
N VAL E 25 -5.98 -13.92 0.00
CA VAL E 25 -7.36 -13.98 -0.47
C VAL E 25 -7.43 -13.62 -1.95
N LYS E 26 -6.71 -12.58 -2.36
CA LYS E 26 -6.74 -12.18 -3.77
C LYS E 26 -6.09 -13.23 -4.66
N VAL E 27 -5.10 -13.96 -4.16
CA VAL E 27 -4.48 -15.02 -4.96
C VAL E 27 -5.49 -16.09 -5.31
N VAL E 28 -6.29 -16.52 -4.35
CA VAL E 28 -7.29 -17.55 -4.61
C VAL E 28 -8.43 -16.99 -5.44
N GLU E 29 -8.80 -15.72 -5.21
CA GLU E 29 -9.89 -15.12 -5.98
C GLU E 29 -9.56 -15.01 -7.45
N GLU E 30 -8.27 -14.87 -7.79
CA GLU E 30 -7.85 -14.66 -9.16
C GLU E 30 -7.24 -15.92 -9.76
N LYS E 31 -6.07 -16.35 -9.29
CA LYS E 31 -5.41 -17.51 -9.89
C LYS E 31 -6.26 -18.77 -9.73
N ALA E 32 -6.92 -18.93 -8.58
CA ALA E 32 -7.89 -20.00 -8.33
C ALA E 32 -7.29 -21.38 -8.61
N PHE E 33 -6.32 -21.72 -7.76
CA PHE E 33 -5.73 -23.06 -7.67
C PHE E 33 -4.98 -23.46 -8.94
N SER E 34 -4.43 -22.48 -9.65
CA SER E 34 -3.38 -22.75 -10.60
C SER E 34 -2.14 -23.26 -9.86
N PRO E 35 -1.26 -24.01 -10.52
CA PRO E 35 -0.08 -24.55 -9.81
C PRO E 35 0.80 -23.49 -9.17
N GLU E 36 0.69 -22.22 -9.54
CA GLU E 36 1.48 -21.19 -8.89
C GLU E 36 0.87 -20.68 -7.59
N VAL E 37 -0.28 -21.22 -7.18
CA VAL E 37 -0.84 -20.84 -5.89
C VAL E 37 -0.11 -21.54 -4.76
N ILE E 38 0.43 -22.73 -5.01
CA ILE E 38 1.15 -23.51 -4.01
C ILE E 38 2.35 -22.69 -3.49
N PRO E 39 3.28 -22.24 -4.33
CA PRO E 39 4.43 -21.49 -3.77
C PRO E 39 4.02 -20.16 -3.18
N MET E 40 2.94 -19.54 -3.66
CA MET E 40 2.47 -18.31 -3.06
C MET E 40 1.95 -18.53 -1.65
N PHE E 41 1.35 -19.70 -1.39
CA PHE E 41 0.88 -20.01 -0.04
C PHE E 41 2.05 -20.21 0.91
N SER E 42 3.04 -21.01 0.49
CA SER E 42 4.19 -21.28 1.35
C SER E 42 4.94 -20.00 1.70
N ALA E 43 5.02 -19.07 0.76
CA ALA E 43 5.75 -17.83 1.01
C ALA E 43 4.94 -16.89 1.90
N LEU E 44 3.63 -16.77 1.66
CA LEU E 44 2.80 -15.91 2.51
C LEU E 44 2.67 -16.48 3.91
N SER E 45 2.78 -17.80 4.07
CA SER E 45 2.73 -18.46 5.36
C SER E 45 4.13 -18.72 5.91
N CYS E 46 5.05 -17.80 5.68
CA CYS E 46 6.44 -17.96 6.11
C CYS E 46 6.52 -17.93 7.63
N GLY E 47 6.88 -19.05 8.23
CA GLY E 47 6.99 -19.14 9.68
C GLY E 47 5.70 -18.90 10.42
N ALA E 48 4.57 -19.29 9.85
CA ALA E 48 3.27 -19.05 10.47
C ALA E 48 2.94 -20.13 11.49
N THR E 49 2.26 -19.72 12.55
CA THR E 49 1.77 -20.66 13.55
C THR E 49 0.62 -21.47 12.95
N PRO E 50 0.35 -22.66 13.51
CA PRO E 50 -0.84 -23.41 13.08
C PRO E 50 -2.12 -22.61 13.21
N GLN E 51 -2.17 -21.64 14.13
CA GLN E 51 -3.32 -20.76 14.22
C GLN E 51 -3.41 -19.85 13.00
N ASP E 52 -2.28 -19.25 12.60
CA ASP E 52 -2.27 -18.39 11.43
C ASP E 52 -2.54 -19.17 10.15
N LEU E 53 -2.10 -20.43 10.08
CA LEU E 53 -2.38 -21.26 8.92
C LEU E 53 -3.88 -21.49 8.75
N ASN E 54 -4.59 -21.75 9.85
CA ASN E 54 -6.03 -21.91 9.76
C ASN E 54 -6.72 -20.60 9.44
N THR E 55 -6.19 -19.48 9.91
CA THR E 55 -6.78 -18.19 9.58
C THR E 55 -6.68 -17.92 8.08
N MET E 56 -5.58 -18.31 7.46
CA MET E 56 -5.42 -18.12 6.02
C MET E 56 -6.39 -19.01 5.24
N LEU E 57 -6.42 -20.31 5.57
CA LEU E 57 -7.29 -21.23 4.85
C LEU E 57 -8.76 -20.90 5.03
N ASN E 58 -9.14 -20.39 6.20
CA ASN E 58 -10.55 -20.06 6.43
C ASN E 58 -10.99 -18.89 5.56
N THR E 59 -10.20 -17.83 5.52
CA THR E 59 -10.57 -16.64 4.77
C THR E 59 -10.66 -16.88 3.26
N VAL E 60 -10.34 -18.07 2.77
CA VAL E 60 -10.57 -18.43 1.37
C VAL E 60 -12.06 -18.37 1.07
N GLY E 61 -12.46 -17.43 0.22
CA GLY E 61 -13.85 -17.31 -0.18
C GLY E 61 -14.17 -18.29 -1.30
N GLY E 62 -15.21 -19.08 -1.12
CA GLY E 62 -15.59 -20.06 -2.10
C GLY E 62 -14.69 -21.29 -2.07
N HIS E 63 -14.89 -22.15 -3.08
CA HIS E 63 -14.12 -23.39 -3.21
C HIS E 63 -14.21 -24.25 -1.97
N GLN E 64 -15.35 -24.20 -1.27
CA GLN E 64 -15.48 -24.91 0.00
C GLN E 64 -15.39 -26.42 -0.18
N ALA E 65 -15.71 -26.93 -1.38
CA ALA E 65 -15.52 -28.34 -1.65
C ALA E 65 -14.03 -28.69 -1.63
N ALA E 66 -13.20 -27.87 -2.27
CA ALA E 66 -11.77 -28.10 -2.24
C ALA E 66 -11.22 -28.00 -0.82
N MET E 67 -11.75 -27.07 -0.03
CA MET E 67 -11.27 -26.88 1.34
C MET E 67 -11.55 -28.11 2.20
N GLN E 68 -12.71 -28.73 2.03
CA GLN E 68 -13.03 -29.95 2.77
C GLN E 68 -12.09 -31.08 2.38
N MET E 69 -11.71 -31.15 1.10
CA MET E 69 -10.76 -32.16 0.66
C MET E 69 -9.40 -31.94 1.32
N LEU E 70 -8.98 -30.68 1.46
CA LEU E 70 -7.78 -30.38 2.22
C LEU E 70 -7.95 -30.78 3.68
N LYS E 71 -9.14 -30.54 4.24
CA LYS E 71 -9.42 -30.87 5.63
C LYS E 71 -9.27 -32.37 5.88
N GLU E 72 -9.87 -33.19 5.01
CA GLU E 72 -9.76 -34.63 5.15
C GLU E 72 -8.32 -35.12 4.95
N THR E 73 -7.58 -34.47 4.05
CA THR E 73 -6.17 -34.84 3.87
C THR E 73 -5.35 -34.50 5.11
N ILE E 74 -5.68 -33.41 5.79
CA ILE E 74 -5.02 -33.06 7.04
C ILE E 74 -5.26 -34.15 8.08
N ASN E 75 -6.51 -34.59 8.23
CA ASN E 75 -6.85 -35.61 9.21
C ASN E 75 -6.08 -36.89 8.97
N GLU E 76 -5.86 -37.24 7.70
CA GLU E 76 -5.09 -38.44 7.37
C GLU E 76 -3.65 -38.31 7.85
N GLU E 77 -3.00 -37.19 7.53
CA GLU E 77 -1.62 -36.99 7.94
C GLU E 77 -1.51 -36.84 9.45
N ALA E 78 -2.56 -36.36 10.11
CA ALA E 78 -2.53 -36.19 11.56
C ALA E 78 -2.53 -37.53 12.27
N ALA E 79 -3.45 -38.42 11.87
CA ALA E 79 -3.48 -39.76 12.47
C ALA E 79 -2.19 -40.51 12.20
N GLU E 80 -1.55 -40.25 11.06
CA GLU E 80 -0.24 -40.83 10.80
C GLU E 80 0.81 -40.27 11.76
N TRP E 81 0.72 -38.97 12.08
CA TRP E 81 1.61 -38.40 13.08
C TRP E 81 1.40 -39.03 14.45
N ASP E 82 0.14 -39.36 14.77
CA ASP E 82 -0.14 -40.04 16.03
C ASP E 82 0.46 -41.44 16.05
N ARG E 83 0.54 -42.09 14.89
CA ARG E 83 1.04 -43.45 14.82
C ARG E 83 2.53 -43.50 15.08
N LEU E 84 3.30 -42.62 14.46
CA LEU E 84 4.74 -42.61 14.61
C LEU E 84 5.22 -41.77 15.79
N HIS E 85 4.35 -41.00 16.42
CA HIS E 85 4.70 -40.18 17.59
C HIS E 85 3.61 -40.32 18.64
N PRO E 86 3.55 -41.46 19.30
CA PRO E 86 2.50 -41.66 20.33
C PRO E 86 2.80 -40.82 21.57
N VAL E 87 1.76 -40.12 22.04
CA VAL E 87 1.90 -39.32 23.25
C VAL E 87 2.05 -40.23 24.46
N HIS E 88 3.11 -40.00 25.23
CA HIS E 88 3.42 -40.83 26.39
C HIS E 88 2.78 -40.26 27.65
N ALA E 89 2.30 -41.14 28.52
CA ALA E 89 1.73 -40.72 29.78
C ALA E 89 2.85 -40.28 30.73
N GLY E 90 2.47 -39.96 31.96
CA GLY E 90 3.40 -39.44 32.93
C GLY E 90 3.48 -37.94 32.87
N PRO E 91 3.76 -37.30 33.99
CA PRO E 91 3.77 -35.84 34.03
C PRO E 91 4.92 -35.28 33.22
N ILE E 92 4.66 -34.13 32.59
CA ILE E 92 5.64 -33.51 31.70
C ILE E 92 6.89 -33.15 32.49
N ALA E 93 8.05 -33.52 31.97
CA ALA E 93 9.30 -33.21 32.64
C ALA E 93 9.41 -31.70 32.86
N PRO E 94 9.94 -31.27 34.00
CA PRO E 94 9.98 -29.83 34.29
C PRO E 94 10.86 -29.07 33.31
N GLY E 95 10.36 -27.92 32.85
CA GLY E 95 11.06 -27.11 31.88
C GLY E 95 10.92 -27.58 30.44
N GLN E 96 10.25 -28.70 30.20
CA GLN E 96 10.09 -29.24 28.86
C GLN E 96 8.64 -29.12 28.41
N MET E 97 8.45 -28.98 27.10
CA MET E 97 7.13 -28.91 26.51
C MET E 97 6.51 -30.32 26.43
N ARG E 98 5.19 -30.36 26.41
CA ARG E 98 4.49 -31.62 26.25
C ARG E 98 4.67 -32.16 24.83
N GLU E 99 4.20 -33.39 24.63
CA GLU E 99 4.34 -34.06 23.34
C GLU E 99 3.14 -33.74 22.46
N PRO E 100 3.33 -33.16 21.27
CA PRO E 100 2.19 -32.80 20.44
C PRO E 100 1.64 -33.97 19.65
N ARG E 101 0.34 -33.92 19.41
CA ARG E 101 -0.35 -34.91 18.58
C ARG E 101 -0.89 -34.23 17.32
N GLY E 102 -1.60 -35.01 16.51
CA GLY E 102 -2.07 -34.51 15.23
C GLY E 102 -3.07 -33.37 15.35
N SER E 103 -3.96 -33.47 16.33
CA SER E 103 -4.92 -32.38 16.55
C SER E 103 -4.23 -31.15 17.12
N ASP E 104 -3.11 -31.35 17.83
CA ASP E 104 -2.34 -30.20 18.33
C ASP E 104 -1.69 -29.44 17.18
N ILE E 105 -1.10 -30.17 16.23
CA ILE E 105 -0.44 -29.52 15.09
C ILE E 105 -1.47 -28.83 14.21
N ALA E 106 -2.66 -29.40 14.06
CA ALA E 106 -3.69 -28.81 13.22
C ALA E 106 -4.38 -27.61 13.86
N GLY E 107 -4.10 -27.33 15.13
CA GLY E 107 -4.67 -26.18 15.80
C GLY E 107 -6.04 -26.40 16.40
N THR E 108 -6.60 -27.60 16.30
CA THR E 108 -7.91 -27.87 16.87
C THR E 108 -7.86 -27.98 18.39
N THR E 109 -6.84 -28.65 18.92
CA THR E 109 -6.73 -28.85 20.36
C THR E 109 -5.38 -28.34 20.88
N SER E 110 -5.07 -27.08 20.58
CA SER E 110 -3.83 -26.48 21.06
C SER E 110 -4.02 -24.98 21.17
N THR E 111 -3.43 -24.39 22.21
CA THR E 111 -3.49 -22.96 22.40
C THR E 111 -2.34 -22.29 21.65
N LEU E 112 -2.49 -20.98 21.45
CA LEU E 112 -1.44 -20.23 20.76
C LEU E 112 -0.13 -20.29 21.53
N GLN E 113 -0.19 -20.19 22.86
CA GLN E 113 1.02 -20.27 23.67
C GLN E 113 1.66 -21.65 23.58
N GLU E 114 0.86 -22.71 23.44
CA GLU E 114 1.42 -24.03 23.24
C GLU E 114 2.13 -24.13 21.90
N GLN E 115 1.53 -23.60 20.84
CA GLN E 115 2.18 -23.57 19.54
C GLN E 115 3.44 -22.72 19.58
N ILE E 116 3.37 -21.55 20.24
CA ILE E 116 4.53 -20.68 20.36
C ILE E 116 5.65 -21.40 21.10
N GLY E 117 5.32 -22.05 22.22
CA GLY E 117 6.34 -22.74 22.99
C GLY E 117 7.01 -23.86 22.22
N TRP E 118 6.24 -24.55 21.38
CA TRP E 118 6.82 -25.62 20.56
C TRP E 118 7.77 -25.05 19.52
N MET E 119 7.38 -23.96 18.86
CA MET E 119 8.20 -23.43 17.77
C MET E 119 9.44 -22.71 18.28
N THR E 120 9.32 -21.98 19.39
CA THR E 120 10.43 -21.21 19.93
C THR E 120 11.29 -22.00 20.91
N HIS E 121 10.94 -23.25 21.19
CA HIS E 121 11.74 -24.08 22.07
C HIS E 121 13.11 -24.34 21.46
N ASN E 122 14.02 -24.87 22.28
CA ASN E 122 15.34 -25.31 21.83
C ASN E 122 15.68 -26.56 22.61
N PRO E 123 15.52 -27.76 22.02
CA PRO E 123 15.19 -28.07 20.61
C PRO E 123 13.82 -27.61 20.14
N PRO E 124 13.73 -27.09 18.91
CA PRO E 124 12.45 -26.56 18.40
C PRO E 124 11.60 -27.61 17.70
N ILE E 125 10.33 -27.70 18.09
CA ILE E 125 9.37 -28.55 17.39
C ILE E 125 8.57 -27.67 16.43
N PRO E 126 8.85 -27.71 15.13
CA PRO E 126 8.19 -26.80 14.18
C PRO E 126 6.81 -27.29 13.78
N VAL E 127 5.86 -27.15 14.71
CA VAL E 127 4.49 -27.58 14.44
C VAL E 127 3.88 -26.79 13.30
N GLY E 128 4.32 -25.53 13.12
CA GLY E 128 3.83 -24.75 12.00
C GLY E 128 4.29 -25.29 10.67
N GLU E 129 5.57 -25.65 10.57
CA GLU E 129 6.10 -26.19 9.32
C GLU E 129 5.53 -27.58 9.04
N ILE E 130 5.33 -28.37 10.10
CA ILE E 130 4.75 -29.70 9.92
C ILE E 130 3.31 -29.60 9.45
N TYR E 131 2.55 -28.66 10.01
CA TYR E 131 1.18 -28.45 9.54
C TYR E 131 1.18 -27.92 8.11
N LYS E 132 2.12 -27.02 7.78
CA LYS E 132 2.22 -26.50 6.42
C LYS E 132 2.47 -27.62 5.42
N ARG E 133 3.27 -28.61 5.81
CA ARG E 133 3.52 -29.74 4.92
C ARG E 133 2.22 -30.48 4.59
N TRP E 134 1.38 -30.70 5.59
CA TRP E 134 0.11 -31.37 5.34
C TRP E 134 -0.81 -30.51 4.48
N ILE E 135 -0.81 -29.19 4.73
CA ILE E 135 -1.66 -28.30 3.96
C ILE E 135 -1.23 -28.29 2.49
N ILE E 136 0.07 -28.26 2.24
CA ILE E 136 0.56 -28.24 0.86
C ILE E 136 0.23 -29.55 0.16
N LEU E 137 0.33 -30.67 0.86
CA LEU E 137 0.01 -31.96 0.25
C LEU E 137 -1.44 -32.01 -0.21
N GLY E 138 -2.34 -31.40 0.56
CA GLY E 138 -3.73 -31.35 0.18
C GLY E 138 -3.99 -30.35 -0.93
N LEU E 139 -3.31 -29.20 -0.87
CA LEU E 139 -3.41 -28.24 -1.96
C LEU E 139 -2.90 -28.82 -3.27
N ASN E 140 -1.94 -29.76 -3.19
CA ASN E 140 -1.44 -30.41 -4.40
C ASN E 140 -2.53 -31.27 -5.04
N LYS E 141 -3.32 -31.98 -4.24
CA LYS E 141 -4.43 -32.74 -4.79
C LYS E 141 -5.47 -31.83 -5.43
N ILE E 142 -5.69 -30.65 -4.85
CA ILE E 142 -6.68 -29.73 -5.38
C ILE E 142 -6.25 -29.20 -6.75
N VAL E 143 -4.95 -28.98 -6.93
CA VAL E 143 -4.45 -28.56 -8.23
C VAL E 143 -4.64 -29.66 -9.26
N ARG E 144 -4.38 -30.92 -8.85
CA ARG E 144 -4.61 -32.04 -9.75
C ARG E 144 -6.08 -32.20 -10.10
N MET E 145 -6.98 -31.90 -9.18
CA MET E 145 -8.41 -32.00 -9.47
C MET E 145 -8.88 -30.87 -10.38
N TYR E 146 -8.41 -29.65 -10.12
CA TYR E 146 -8.76 -28.51 -10.96
C TYR E 146 -8.02 -28.51 -12.29
N SER E 147 -7.13 -29.46 -12.52
CA SER E 147 -6.44 -29.58 -13.80
C SER E 147 -7.46 -29.92 -14.88
N PRO E 148 -7.66 -29.06 -15.89
CA PRO E 148 -8.70 -29.32 -16.91
C PRO E 148 -8.43 -30.57 -17.73
N THR E 149 -7.22 -30.72 -18.24
CA THR E 149 -6.90 -31.86 -19.10
C THR E 149 -5.77 -32.69 -18.52
N SER E 150 -5.18 -33.56 -19.35
CA SER E 150 -4.08 -34.42 -18.95
C SER E 150 -2.88 -34.19 -19.85
N ILE E 151 -1.70 -34.59 -19.36
CA ILE E 151 -0.46 -34.40 -20.10
C ILE E 151 -0.41 -35.26 -21.36
N LEU E 152 -1.18 -36.35 -21.39
CA LEU E 152 -1.19 -37.24 -22.54
C LEU E 152 -2.05 -36.73 -23.68
N ASP E 153 -2.91 -35.74 -23.44
CA ASP E 153 -3.80 -35.19 -24.45
C ASP E 153 -3.36 -33.82 -24.95
N ILE E 154 -2.19 -33.35 -24.51
CA ILE E 154 -1.66 -32.06 -24.95
C ILE E 154 -1.07 -32.26 -26.34
N ARG E 155 -1.79 -31.82 -27.38
CA ARG E 155 -1.38 -32.05 -28.76
C ARG E 155 -1.35 -30.72 -29.51
N GLN E 156 -0.30 -30.54 -30.31
CA GLN E 156 -0.08 -29.29 -31.01
C GLN E 156 -1.07 -29.11 -32.16
N GLY E 157 -1.56 -27.88 -32.31
CA GLY E 157 -2.54 -27.56 -33.32
C GLY E 157 -1.94 -27.49 -34.72
N PRO E 158 -2.72 -26.97 -35.67
CA PRO E 158 -2.26 -26.96 -37.07
C PRO E 158 -1.11 -26.01 -37.31
N LYS E 159 -1.26 -24.75 -36.90
CA LYS E 159 -0.22 -23.74 -37.02
C LYS E 159 0.26 -23.23 -35.66
N GLU E 160 -0.22 -23.83 -34.57
CA GLU E 160 0.18 -23.44 -33.23
C GLU E 160 1.70 -23.46 -33.11
N PRO E 161 2.34 -22.33 -32.83
CA PRO E 161 3.80 -22.33 -32.72
C PRO E 161 4.29 -23.27 -31.62
N PHE E 162 5.51 -23.76 -31.79
CA PHE E 162 6.06 -24.74 -30.85
C PHE E 162 6.09 -24.18 -29.44
N ARG E 163 6.41 -22.89 -29.28
CA ARG E 163 6.45 -22.28 -27.96
C ARG E 163 5.08 -22.36 -27.28
N ASP E 164 4.02 -22.02 -28.02
CA ASP E 164 2.68 -22.04 -27.45
C ASP E 164 2.27 -23.44 -27.05
N TYR E 165 2.80 -24.46 -27.72
CA TYR E 165 2.52 -25.84 -27.36
C TYR E 165 3.31 -26.28 -26.13
N VAL E 166 4.59 -25.91 -26.05
CA VAL E 166 5.39 -26.28 -24.90
C VAL E 166 4.91 -25.56 -23.65
N ASP E 167 4.35 -24.35 -23.80
CA ASP E 167 3.73 -23.66 -22.67
C ASP E 167 2.59 -24.50 -22.09
N ARG E 168 1.67 -24.94 -22.94
CA ARG E 168 0.56 -25.77 -22.48
C ARG E 168 1.05 -27.12 -21.96
N PHE E 169 2.14 -27.64 -22.51
CA PHE E 169 2.65 -28.94 -22.09
C PHE E 169 3.15 -28.90 -20.65
N TYR E 170 4.13 -28.05 -20.37
CA TYR E 170 4.69 -28.00 -19.02
C TYR E 170 3.73 -27.39 -18.02
N LYS E 171 2.81 -26.53 -18.47
CA LYS E 171 1.77 -26.03 -17.58
C LYS E 171 0.91 -27.16 -17.04
N THR E 172 0.50 -28.07 -17.92
CA THR E 172 -0.33 -29.20 -17.49
C THR E 172 0.48 -30.17 -16.65
N LEU E 173 1.74 -30.41 -17.02
CA LEU E 173 2.59 -31.27 -16.20
C LEU E 173 2.86 -30.66 -14.84
N ARG E 174 2.83 -29.34 -14.75
CA ARG E 174 3.02 -28.68 -13.46
C ARG E 174 1.89 -28.99 -12.50
N ALA E 175 0.67 -29.16 -13.02
CA ALA E 175 -0.47 -29.52 -12.18
C ALA E 175 -0.44 -31.00 -11.80
N GLU E 176 -0.03 -31.86 -12.73
CA GLU E 176 -0.04 -33.29 -12.46
C GLU E 176 1.02 -33.68 -11.44
N GLN E 177 2.26 -33.20 -11.63
CA GLN E 177 3.30 -33.47 -10.64
C GLN E 177 2.97 -32.80 -9.31
N ALA E 178 2.35 -31.63 -9.34
CA ALA E 178 1.90 -30.90 -8.15
C ALA E 178 3.05 -30.69 -7.15
N ASN E 184 12.00 -36.38 -16.15
CA ASN E 184 11.68 -37.66 -16.77
C ASN E 184 11.89 -37.58 -18.29
N ALA E 185 12.67 -38.53 -18.82
CA ALA E 185 12.91 -38.57 -20.27
C ALA E 185 11.65 -38.94 -21.04
N ALA E 186 10.66 -39.55 -20.39
CA ALA E 186 9.39 -39.81 -21.04
C ALA E 186 8.64 -38.53 -21.40
N THR E 187 8.90 -37.44 -20.68
CA THR E 187 8.33 -36.16 -21.06
C THR E 187 8.94 -35.62 -22.35
N GLU E 188 10.16 -36.05 -22.69
CA GLU E 188 10.75 -35.67 -23.97
C GLU E 188 10.02 -36.36 -25.12
N THR E 189 9.80 -37.66 -25.01
CA THR E 189 9.06 -38.39 -26.03
C THR E 189 7.61 -37.92 -26.09
N LEU E 190 7.02 -37.60 -24.93
CA LEU E 190 5.65 -37.10 -24.90
C LEU E 190 5.57 -35.69 -25.49
N LEU E 191 6.66 -34.93 -25.44
CA LEU E 191 6.68 -33.59 -26.02
C LEU E 191 6.85 -33.64 -27.54
N VAL E 192 7.72 -34.52 -28.02
CA VAL E 192 7.95 -34.63 -29.45
C VAL E 192 6.77 -35.29 -30.15
N GLN E 193 6.16 -36.27 -29.48
CA GLN E 193 5.14 -37.09 -30.13
C GLN E 193 3.91 -36.29 -30.54
N ASN E 194 3.60 -35.23 -29.81
CA ASN E 194 2.37 -34.49 -30.03
C ASN E 194 2.55 -33.24 -30.88
N ALA E 195 3.76 -32.99 -31.37
CA ALA E 195 3.97 -31.87 -32.28
C ALA E 195 3.27 -32.14 -33.60
N ASN E 196 2.68 -31.09 -34.18
CA ASN E 196 2.04 -31.22 -35.47
C ASN E 196 3.06 -31.72 -36.51
N PRO E 197 2.60 -32.38 -37.57
CA PRO E 197 3.55 -33.03 -38.50
C PRO E 197 4.64 -32.10 -39.03
N ASP E 198 4.40 -30.79 -39.07
CA ASP E 198 5.42 -29.84 -39.50
C ASP E 198 6.58 -29.80 -38.52
N CYS E 199 6.34 -29.30 -37.30
CA CYS E 199 7.38 -29.21 -36.29
C CYS E 199 7.83 -30.59 -35.82
N LYS E 200 6.98 -31.61 -35.96
CA LYS E 200 7.37 -32.96 -35.54
C LYS E 200 8.58 -33.46 -36.31
N THR E 201 8.61 -33.23 -37.63
CA THR E 201 9.73 -33.69 -38.44
C THR E 201 11.01 -32.94 -38.08
N ILE E 202 10.90 -31.65 -37.78
CA ILE E 202 12.09 -30.85 -37.47
C ILE E 202 12.72 -31.32 -36.17
N LEU E 203 11.90 -31.66 -35.18
CA LEU E 203 12.43 -32.14 -33.90
C LEU E 203 13.12 -33.49 -34.07
N LYS E 204 12.50 -34.40 -34.83
CA LYS E 204 13.14 -35.69 -35.08
C LYS E 204 14.43 -35.53 -35.86
N ALA E 205 14.50 -34.54 -36.76
CA ALA E 205 15.72 -34.32 -37.50
C ALA E 205 16.85 -33.79 -36.61
N LEU E 206 16.50 -33.14 -35.50
CA LEU E 206 17.52 -32.61 -34.59
C LEU E 206 18.33 -33.74 -33.97
N GLY E 207 17.64 -34.66 -33.29
CA GLY E 207 18.30 -35.77 -32.65
C GLY E 207 17.91 -35.91 -31.21
N PRO E 208 18.37 -36.99 -30.57
CA PRO E 208 18.05 -37.22 -29.16
C PRO E 208 18.96 -36.39 -28.27
N GLY E 209 18.57 -36.33 -26.99
CA GLY E 209 19.32 -35.60 -25.99
C GLY E 209 19.55 -34.16 -26.40
N ALA E 210 18.49 -33.48 -26.82
CA ALA E 210 18.56 -32.10 -27.29
C ALA E 210 17.90 -31.17 -26.29
N THR E 211 18.54 -30.03 -26.05
CA THR E 211 18.00 -29.06 -25.11
C THR E 211 16.68 -28.48 -25.63
N LEU E 212 15.85 -28.02 -24.69
CA LEU E 212 14.58 -27.40 -25.08
C LEU E 212 14.81 -26.13 -25.88
N GLU E 213 15.90 -25.41 -25.61
CA GLU E 213 16.24 -24.25 -26.44
C GLU E 213 16.50 -24.68 -27.87
N GLU E 214 17.18 -25.82 -28.06
CA GLU E 214 17.47 -26.31 -29.40
C GLU E 214 16.18 -26.71 -30.12
N MET E 215 15.31 -27.46 -29.44
CA MET E 215 14.06 -27.89 -30.06
C MET E 215 13.18 -26.71 -30.45
N MET E 216 13.14 -25.67 -29.60
CA MET E 216 12.31 -24.52 -29.90
C MET E 216 12.92 -23.63 -30.98
N THR E 217 14.23 -23.41 -30.91
CA THR E 217 14.90 -22.63 -31.96
C THR E 217 14.78 -23.30 -33.31
N ALA E 218 14.75 -24.64 -33.34
CA ALA E 218 14.69 -25.37 -34.60
C ALA E 218 13.35 -25.17 -35.31
N CYS E 219 12.24 -25.40 -34.60
CA CYS E 219 10.94 -25.29 -35.25
C CYS E 219 10.61 -23.84 -35.58
N GLN E 220 10.88 -22.92 -34.65
CA GLN E 220 10.79 -21.47 -34.86
C GLN E 220 9.56 -21.02 -35.66
N PRO F 2 1.84 12.83 15.51
CA PRO F 2 1.21 12.56 16.80
C PRO F 2 2.23 12.46 17.92
N ILE F 3 1.84 11.84 19.03
CA ILE F 3 2.73 11.57 20.16
C ILE F 3 2.64 10.07 20.41
N VAL F 4 3.54 9.31 19.80
CA VAL F 4 3.56 7.87 19.93
C VAL F 4 4.56 7.48 21.00
N GLN F 5 4.55 6.21 21.38
CA GLN F 5 5.45 5.69 22.41
C GLN F 5 6.77 5.27 21.77
N ASN F 6 7.85 5.94 22.16
CA ASN F 6 9.17 5.58 21.69
C ASN F 6 9.48 4.15 22.10
N LEU F 7 10.21 3.42 21.24
CA LEU F 7 10.57 2.04 21.56
C LEU F 7 11.57 1.95 22.71
N GLN F 8 12.19 3.06 23.08
CA GLN F 8 12.95 3.14 24.33
C GLN F 8 12.06 3.34 25.54
N GLY F 9 10.74 3.14 25.41
CA GLY F 9 9.83 3.32 26.51
C GLY F 9 9.43 4.76 26.79
N GLN F 10 9.74 5.69 25.89
CA GLN F 10 9.49 7.10 26.11
C GLN F 10 8.27 7.55 25.30
N MET F 11 8.10 8.87 25.15
CA MET F 11 7.03 9.44 24.35
C MET F 11 7.63 10.51 23.45
N VAL F 12 7.74 10.21 22.17
CA VAL F 12 8.33 11.13 21.21
C VAL F 12 7.27 11.56 20.20
N HIS F 13 7.49 12.73 19.62
CA HIS F 13 6.59 13.24 18.60
C HIS F 13 6.96 12.68 17.24
N GLN F 14 5.97 12.13 16.54
CA GLN F 14 6.16 11.67 15.18
C GLN F 14 5.35 12.53 14.23
N CYS F 15 5.65 12.40 12.94
CA CYS F 15 4.91 13.12 11.92
C CYS F 15 3.61 12.41 11.61
N ILE F 16 2.59 13.20 11.27
CA ILE F 16 1.30 12.61 10.92
C ILE F 16 1.46 11.79 9.64
N SER F 17 1.06 10.52 9.71
CA SER F 17 1.29 9.61 8.61
C SER F 17 0.49 10.02 7.39
N PRO F 18 1.07 9.96 6.19
CA PRO F 18 0.27 10.16 4.98
C PRO F 18 -0.85 9.15 4.84
N ARG F 19 -0.63 7.90 5.28
CA ARG F 19 -1.69 6.90 5.25
C ARG F 19 -2.83 7.27 6.17
N THR F 20 -2.51 7.88 7.33
CA THR F 20 -3.55 8.30 8.25
C THR F 20 -4.35 9.46 7.67
N LEU F 21 -3.67 10.44 7.08
CA LEU F 21 -4.38 11.57 6.46
C LEU F 21 -5.27 11.09 5.31
N ASN F 22 -4.69 10.33 4.38
CA ASN F 22 -5.47 9.88 3.22
C ASN F 22 -6.65 9.02 3.65
N ALA F 23 -6.50 8.23 4.71
CA ALA F 23 -7.62 7.43 5.19
C ALA F 23 -8.77 8.31 5.66
N TRP F 24 -8.45 9.41 6.34
CA TRP F 24 -9.50 10.31 6.82
C TRP F 24 -10.18 11.03 5.67
N VAL F 25 -9.41 11.47 4.67
CA VAL F 25 -9.99 12.17 3.52
C VAL F 25 -10.92 11.24 2.76
N LYS F 26 -10.54 9.97 2.61
CA LYS F 26 -11.40 9.03 1.90
C LYS F 26 -12.66 8.72 2.69
N VAL F 27 -12.60 8.76 4.02
CA VAL F 27 -13.78 8.49 4.83
C VAL F 27 -14.82 9.58 4.64
N VAL F 28 -14.40 10.84 4.61
CA VAL F 28 -15.33 11.94 4.40
C VAL F 28 -15.86 11.93 2.97
N GLU F 29 -15.01 11.57 2.00
CA GLU F 29 -15.45 11.51 0.61
C GLU F 29 -16.39 10.35 0.35
N GLU F 30 -16.41 9.34 1.23
CA GLU F 30 -17.28 8.19 1.02
C GLU F 30 -18.49 8.23 1.94
N LYS F 31 -18.28 7.99 3.23
CA LYS F 31 -19.41 7.91 4.15
C LYS F 31 -20.08 9.25 4.35
N ALA F 32 -19.32 10.35 4.29
CA ALA F 32 -19.84 11.72 4.31
C ALA F 32 -20.73 11.96 5.54
N PHE F 33 -20.07 11.93 6.70
CA PHE F 33 -20.68 12.25 7.99
C PHE F 33 -21.81 11.31 8.37
N SER F 34 -21.83 10.10 7.82
CA SER F 34 -22.59 9.03 8.41
C SER F 34 -22.08 8.78 9.83
N PRO F 35 -22.90 8.24 10.72
CA PRO F 35 -22.44 8.04 12.11
C PRO F 35 -21.12 7.29 12.25
N GLU F 36 -20.81 6.39 11.32
CA GLU F 36 -19.55 5.66 11.38
C GLU F 36 -18.33 6.54 11.14
N VAL F 37 -18.53 7.79 10.69
CA VAL F 37 -17.40 8.69 10.50
C VAL F 37 -16.83 9.11 11.85
N ILE F 38 -17.65 9.15 12.89
CA ILE F 38 -17.20 9.62 14.20
C ILE F 38 -16.18 8.65 14.80
N PRO F 39 -16.48 7.35 14.96
CA PRO F 39 -15.46 6.45 15.54
C PRO F 39 -14.24 6.28 14.66
N MET F 40 -14.36 6.51 13.35
CA MET F 40 -13.19 6.46 12.48
C MET F 40 -12.26 7.63 12.73
N PHE F 41 -12.82 8.81 12.99
CA PHE F 41 -12.01 9.97 13.32
C PHE F 41 -11.24 9.74 14.62
N SER F 42 -11.89 9.16 15.62
CA SER F 42 -11.22 8.88 16.88
C SER F 42 -10.02 7.96 16.69
N ALA F 43 -10.20 6.88 15.92
CA ALA F 43 -9.12 5.92 15.74
C ALA F 43 -7.98 6.49 14.91
N LEU F 44 -8.28 7.37 13.95
CA LEU F 44 -7.23 7.97 13.13
C LEU F 44 -6.56 9.16 13.80
N SER F 45 -7.12 9.68 14.89
CA SER F 45 -6.52 10.79 15.62
C SER F 45 -5.85 10.32 16.91
N CYS F 46 -5.46 9.05 16.97
CA CYS F 46 -4.93 8.47 18.19
C CYS F 46 -3.69 9.22 18.66
N GLY F 47 -3.78 9.85 19.82
CA GLY F 47 -2.65 10.58 20.37
C GLY F 47 -2.17 11.72 19.50
N ALA F 48 -3.10 12.47 18.91
CA ALA F 48 -2.76 13.54 18.00
C ALA F 48 -2.58 14.86 18.74
N THR F 49 -1.54 15.60 18.37
CA THR F 49 -1.39 16.95 18.89
C THR F 49 -2.51 17.83 18.34
N PRO F 50 -2.83 18.92 19.03
CA PRO F 50 -3.82 19.86 18.49
C PRO F 50 -3.53 20.29 17.06
N GLN F 51 -2.26 20.58 16.75
CA GLN F 51 -1.89 20.94 15.39
C GLN F 51 -2.20 19.81 14.41
N ASP F 52 -1.92 18.57 14.81
CA ASP F 52 -2.24 17.43 13.96
C ASP F 52 -3.73 17.25 13.77
N LEU F 53 -4.54 17.75 14.71
CA LEU F 53 -5.99 17.67 14.56
C LEU F 53 -6.50 18.72 13.59
N ASN F 54 -5.99 19.95 13.68
CA ASN F 54 -6.40 20.98 12.73
C ASN F 54 -6.05 20.59 11.30
N THR F 55 -4.92 19.90 11.12
CA THR F 55 -4.54 19.45 9.78
C THR F 55 -5.52 18.43 9.24
N MET F 56 -5.98 17.50 10.09
CA MET F 56 -6.95 16.51 9.64
C MET F 56 -8.28 17.16 9.25
N LEU F 57 -8.62 18.29 9.88
CA LEU F 57 -9.89 18.93 9.57
C LEU F 57 -9.80 19.82 8.32
N ASN F 58 -8.65 20.46 8.09
CA ASN F 58 -8.53 21.33 6.93
C ASN F 58 -8.52 20.53 5.63
N THR F 59 -8.13 19.26 5.67
CA THR F 59 -8.09 18.44 4.48
C THR F 59 -9.46 17.94 4.03
N VAL F 60 -10.51 18.20 4.82
CA VAL F 60 -11.85 17.73 4.47
C VAL F 60 -12.31 18.45 3.20
N GLY F 61 -12.63 17.67 2.17
CA GLY F 61 -13.09 18.24 0.92
C GLY F 61 -14.57 18.57 0.93
N GLY F 62 -14.89 19.85 0.75
CA GLY F 62 -16.29 20.24 0.78
C GLY F 62 -16.84 20.21 2.19
N HIS F 63 -18.18 20.15 2.27
CA HIS F 63 -18.90 20.15 3.54
C HIS F 63 -18.52 21.33 4.42
N GLN F 64 -18.12 22.44 3.79
CA GLN F 64 -17.56 23.56 4.54
C GLN F 64 -18.59 24.22 5.43
N ALA F 65 -19.88 24.10 5.09
CA ALA F 65 -20.92 24.59 5.98
C ALA F 65 -20.88 23.85 7.31
N ALA F 66 -20.70 22.52 7.25
CA ALA F 66 -20.54 21.74 8.48
C ALA F 66 -19.24 22.08 9.19
N MET F 67 -18.23 22.54 8.46
CA MET F 67 -16.94 22.84 9.06
C MET F 67 -17.00 24.14 9.87
N GLN F 68 -17.59 25.19 9.31
CA GLN F 68 -17.76 26.43 10.06
C GLN F 68 -18.60 26.18 11.32
N MET F 69 -19.58 25.30 11.22
CA MET F 69 -20.33 24.89 12.40
C MET F 69 -19.41 24.24 13.43
N LEU F 70 -18.47 23.40 12.97
CA LEU F 70 -17.50 22.81 13.88
C LEU F 70 -16.59 23.87 14.48
N LYS F 71 -16.26 24.91 13.71
CA LYS F 71 -15.47 26.02 14.24
C LYS F 71 -16.22 26.73 15.35
N GLU F 72 -17.51 27.00 15.15
CA GLU F 72 -18.30 27.66 16.18
C GLU F 72 -18.40 26.79 17.43
N THR F 73 -18.57 25.48 17.25
CA THR F 73 -18.59 24.57 18.39
C THR F 73 -17.26 24.64 19.15
N ILE F 74 -16.14 24.64 18.43
CA ILE F 74 -14.84 24.75 19.08
C ILE F 74 -14.72 26.08 19.80
N ASN F 75 -15.08 27.17 19.12
CA ASN F 75 -15.03 28.49 19.75
C ASN F 75 -16.00 28.60 20.93
N GLU F 76 -16.99 27.71 21.01
CA GLU F 76 -17.85 27.64 22.19
C GLU F 76 -17.16 26.87 23.31
N GLU F 77 -16.72 25.64 23.02
CA GLU F 77 -16.07 24.82 24.04
C GLU F 77 -14.77 25.45 24.52
N ALA F 78 -14.14 26.29 23.70
CA ALA F 78 -12.88 26.92 24.10
C ALA F 78 -13.14 28.06 25.08
N ALA F 79 -14.12 28.92 24.77
CA ALA F 79 -14.49 29.97 25.70
C ALA F 79 -14.99 29.39 27.02
N GLU F 80 -15.55 28.17 26.98
CA GLU F 80 -15.94 27.49 28.21
C GLU F 80 -14.72 27.15 29.06
N TRP F 81 -13.65 26.64 28.43
CA TRP F 81 -12.43 26.34 29.17
C TRP F 81 -11.84 27.59 29.78
N ASP F 82 -11.87 28.71 29.05
CA ASP F 82 -11.39 29.98 29.62
C ASP F 82 -12.18 30.36 30.86
N ARG F 83 -13.45 29.98 30.92
CA ARG F 83 -14.29 30.34 32.06
C ARG F 83 -13.98 29.47 33.27
N LEU F 84 -14.35 28.19 33.22
CA LEU F 84 -14.20 27.31 34.37
C LEU F 84 -12.74 26.91 34.65
N HIS F 85 -11.80 27.34 33.82
CA HIS F 85 -10.36 27.24 34.10
C HIS F 85 -9.76 28.63 33.97
N PRO F 86 -9.81 29.44 35.02
CA PRO F 86 -9.18 30.77 34.94
C PRO F 86 -7.75 30.78 35.46
N VAL F 87 -7.08 31.92 35.32
CA VAL F 87 -5.73 32.09 35.82
C VAL F 87 -5.43 33.57 36.05
N MET F 97 6.28 25.88 32.20
CA MET F 97 5.44 26.05 31.01
C MET F 97 4.12 26.71 31.39
N ARG F 98 3.63 27.60 30.53
CA ARG F 98 2.41 28.34 30.80
C ARG F 98 1.20 27.41 30.81
N GLU F 99 0.17 27.82 31.55
CA GLU F 99 -1.05 27.03 31.61
C GLU F 99 -1.83 27.14 30.30
N PRO F 100 -2.40 26.04 29.81
CA PRO F 100 -3.10 26.09 28.51
C PRO F 100 -4.44 26.79 28.64
N ARG F 101 -4.72 27.68 27.69
CA ARG F 101 -6.01 28.34 27.62
C ARG F 101 -6.84 27.72 26.49
N GLY F 102 -7.99 28.31 26.19
CA GLY F 102 -8.87 27.74 25.18
C GLY F 102 -8.26 27.78 23.79
N SER F 103 -7.71 28.92 23.41
CA SER F 103 -7.05 29.02 22.10
C SER F 103 -5.75 28.24 22.06
N ASP F 104 -5.16 27.93 23.21
CA ASP F 104 -3.98 27.08 23.23
C ASP F 104 -4.34 25.63 22.91
N ILE F 105 -5.47 25.16 23.43
CA ILE F 105 -5.89 23.79 23.15
C ILE F 105 -6.37 23.66 21.72
N ALA F 106 -7.06 24.69 21.22
CA ALA F 106 -7.59 24.64 19.86
C ALA F 106 -6.47 24.69 18.82
N GLY F 107 -5.32 25.26 19.16
CA GLY F 107 -4.20 25.33 18.26
C GLY F 107 -4.03 26.64 17.53
N THR F 108 -4.76 27.68 17.91
CA THR F 108 -4.67 28.97 17.23
C THR F 108 -3.61 29.88 17.84
N THR F 109 -3.19 29.63 19.09
CA THR F 109 -2.17 30.46 19.73
C THR F 109 -1.13 29.63 20.47
N SER F 110 -0.95 28.37 20.11
CA SER F 110 0.00 27.49 20.77
C SER F 110 0.96 26.89 19.75
N THR F 111 2.24 26.87 20.08
CA THR F 111 3.23 26.25 19.22
C THR F 111 3.17 24.73 19.34
N LEU F 112 3.77 24.04 18.37
CA LEU F 112 3.85 22.58 18.47
C LEU F 112 4.70 22.16 19.66
N GLN F 113 5.70 22.95 20.03
CA GLN F 113 6.52 22.63 21.18
C GLN F 113 5.73 22.76 22.48
N GLU F 114 4.87 23.78 22.58
CA GLU F 114 4.04 23.93 23.76
C GLU F 114 2.97 22.83 23.82
N GLN F 115 2.40 22.46 22.67
CA GLN F 115 1.46 21.36 22.63
C GLN F 115 2.12 20.06 23.05
N ILE F 116 3.34 19.80 22.57
CA ILE F 116 4.08 18.62 23.00
C ILE F 116 4.40 18.70 24.49
N GLY F 117 4.71 19.91 24.97
CA GLY F 117 5.05 20.07 26.38
C GLY F 117 3.94 19.61 27.30
N TRP F 118 2.71 20.02 27.01
CA TRP F 118 1.58 19.63 27.85
C TRP F 118 1.31 18.13 27.73
N MET F 119 1.37 17.59 26.53
CA MET F 119 1.03 16.18 26.33
C MET F 119 2.09 15.25 26.93
N THR F 120 3.34 15.70 26.99
CA THR F 120 4.44 14.89 27.51
C THR F 120 4.92 15.38 28.87
N HIS F 121 4.10 16.16 29.57
CA HIS F 121 4.44 16.60 30.92
C HIS F 121 4.03 15.54 31.93
N ASN F 122 4.39 15.76 33.19
CA ASN F 122 3.96 14.92 34.30
C ASN F 122 3.76 15.82 35.51
N PRO F 123 2.51 16.12 35.88
CA PRO F 123 1.23 15.60 35.34
C PRO F 123 0.94 16.04 33.90
N PRO F 124 0.51 15.11 33.05
CA PRO F 124 0.26 15.44 31.64
C PRO F 124 -1.04 16.24 31.48
N ILE F 125 -0.94 17.34 30.74
CA ILE F 125 -2.12 18.11 30.32
C ILE F 125 -2.49 17.65 28.92
N PRO F 126 -3.51 16.80 28.75
CA PRO F 126 -3.80 16.21 27.43
C PRO F 126 -4.55 17.17 26.51
N VAL F 127 -3.85 18.20 26.04
CA VAL F 127 -4.47 19.19 25.17
C VAL F 127 -4.89 18.57 23.85
N GLY F 128 -4.35 17.41 23.50
CA GLY F 128 -4.78 16.71 22.31
C GLY F 128 -6.11 16.03 22.50
N GLU F 129 -6.26 15.30 23.61
CA GLU F 129 -7.53 14.62 23.88
C GLU F 129 -8.63 15.60 24.25
N ILE F 130 -8.28 16.71 24.91
CA ILE F 130 -9.26 17.76 25.19
C ILE F 130 -9.80 18.33 23.88
N TYR F 131 -8.89 18.72 22.97
CA TYR F 131 -9.33 19.24 21.68
C TYR F 131 -10.13 18.22 20.91
N LYS F 132 -9.79 16.93 21.05
CA LYS F 132 -10.54 15.90 20.35
C LYS F 132 -11.98 15.83 20.84
N ARG F 133 -12.20 16.05 22.14
CA ARG F 133 -13.56 16.05 22.67
C ARG F 133 -14.38 17.19 22.06
N TRP F 134 -13.80 18.39 21.98
CA TRP F 134 -14.51 19.51 21.39
C TRP F 134 -14.88 19.24 19.94
N ILE F 135 -13.95 18.64 19.18
CA ILE F 135 -14.21 18.33 17.78
C ILE F 135 -15.30 17.28 17.65
N ILE F 136 -15.24 16.23 18.49
CA ILE F 136 -16.21 15.14 18.38
C ILE F 136 -17.62 15.64 18.66
N LEU F 137 -17.77 16.57 19.60
CA LEU F 137 -19.09 17.10 19.90
C LEU F 137 -19.69 17.82 18.69
N GLY F 138 -18.93 18.72 18.09
CA GLY F 138 -19.41 19.41 16.90
C GLY F 138 -19.65 18.49 15.72
N LEU F 139 -18.85 17.43 15.62
CA LEU F 139 -19.09 16.44 14.57
C LEU F 139 -20.40 15.69 14.80
N ASN F 140 -20.74 15.44 16.07
CA ASN F 140 -22.03 14.84 16.36
C ASN F 140 -23.18 15.75 15.97
N LYS F 141 -23.00 17.08 16.13
CA LYS F 141 -23.98 18.02 15.62
C LYS F 141 -24.12 17.93 14.10
N ILE F 142 -23.01 17.65 13.41
CA ILE F 142 -23.07 17.51 11.95
C ILE F 142 -23.79 16.23 11.57
N VAL F 143 -23.59 15.14 12.33
CA VAL F 143 -24.27 13.89 12.02
C VAL F 143 -25.77 14.05 12.21
N ARG F 144 -26.19 14.80 13.23
CA ARG F 144 -27.61 15.02 13.44
C ARG F 144 -28.20 15.95 12.39
N MET F 145 -27.43 16.97 11.98
CA MET F 145 -27.94 17.91 11.00
C MET F 145 -28.02 17.29 9.61
N TYR F 146 -27.01 16.49 9.24
CA TYR F 146 -27.03 15.80 7.95
C TYR F 146 -28.03 14.65 7.91
N SER F 147 -28.76 14.39 9.01
CA SER F 147 -29.77 13.34 9.06
C SER F 147 -31.09 13.98 9.49
N PRO F 148 -31.82 14.60 8.56
CA PRO F 148 -33.12 15.18 8.92
C PRO F 148 -34.17 14.13 9.26
N THR F 149 -34.00 12.90 8.77
CA THR F 149 -34.94 11.84 9.09
C THR F 149 -34.88 11.52 10.57
N SER F 150 -36.04 11.49 11.22
CA SER F 150 -36.15 11.20 12.64
C SER F 150 -36.62 9.77 12.87
N ILE F 151 -36.39 9.29 14.10
CA ILE F 151 -36.79 7.94 14.46
C ILE F 151 -38.31 7.80 14.49
N LEU F 152 -39.04 8.90 14.63
CA LEU F 152 -40.50 8.82 14.67
C LEU F 152 -41.06 8.46 13.31
N ASP F 153 -40.49 9.01 12.24
CA ASP F 153 -40.98 8.78 10.88
C ASP F 153 -40.56 7.43 10.31
N ILE F 154 -39.70 6.69 11.00
CA ILE F 154 -39.22 5.40 10.52
C ILE F 154 -40.31 4.36 10.76
N ARG F 155 -40.95 3.92 9.67
CA ARG F 155 -42.03 2.94 9.74
C ARG F 155 -41.85 1.90 8.66
N GLN F 156 -42.27 0.68 8.98
CA GLN F 156 -42.13 -0.45 8.07
C GLN F 156 -43.17 -0.38 6.98
N GLY F 157 -42.72 -0.56 5.74
CA GLY F 157 -43.60 -0.55 4.61
C GLY F 157 -44.37 -1.86 4.49
N PRO F 158 -45.00 -2.04 3.32
CA PRO F 158 -45.95 -3.16 3.21
C PRO F 158 -45.26 -4.52 3.18
N LYS F 159 -44.26 -4.67 2.35
CA LYS F 159 -43.49 -5.90 2.23
C LYS F 159 -42.06 -5.78 2.72
N GLU F 160 -41.58 -4.54 2.99
CA GLU F 160 -40.25 -4.27 3.53
C GLU F 160 -39.92 -5.28 4.59
N PRO F 161 -38.92 -6.15 4.35
CA PRO F 161 -38.58 -7.18 5.34
C PRO F 161 -38.26 -6.53 6.68
N PHE F 162 -38.52 -7.28 7.75
CA PHE F 162 -38.30 -6.75 9.08
C PHE F 162 -36.85 -6.31 9.25
N ARG F 163 -35.91 -7.08 8.69
CA ARG F 163 -34.50 -6.71 8.78
C ARG F 163 -34.24 -5.36 8.12
N ASP F 164 -34.87 -5.11 6.97
CA ASP F 164 -34.68 -3.83 6.29
C ASP F 164 -35.24 -2.67 7.09
N TYR F 165 -36.29 -2.91 7.87
CA TYR F 165 -36.85 -1.85 8.70
C TYR F 165 -36.03 -1.62 9.97
N VAL F 166 -35.57 -2.70 10.60
CA VAL F 166 -34.75 -2.55 11.80
C VAL F 166 -33.42 -1.89 11.47
N ASP F 167 -32.86 -2.18 10.29
CA ASP F 167 -31.62 -1.55 9.87
C ASP F 167 -31.78 -0.03 9.78
N ARG F 168 -32.85 0.43 9.14
CA ARG F 168 -33.10 1.87 9.06
C ARG F 168 -33.45 2.45 10.42
N PHE F 169 -34.03 1.66 11.31
CA PHE F 169 -34.40 2.15 12.64
C PHE F 169 -33.15 2.51 13.43
N TYR F 170 -32.29 1.53 13.70
CA TYR F 170 -31.09 1.78 14.50
C TYR F 170 -30.10 2.68 13.79
N LYS F 171 -30.15 2.77 12.46
CA LYS F 171 -29.30 3.72 11.76
C LYS F 171 -29.73 5.15 12.05
N THR F 172 -31.03 5.43 11.96
CA THR F 172 -31.54 6.75 12.30
C THR F 172 -31.36 7.04 13.79
N LEU F 173 -31.50 6.02 14.64
CA LEU F 173 -31.28 6.20 16.07
C LEU F 173 -29.82 6.51 16.36
N ARG F 174 -28.91 5.89 15.61
CA ARG F 174 -27.48 6.10 15.83
C ARG F 174 -27.10 7.55 15.57
N ALA F 175 -27.73 8.18 14.58
CA ALA F 175 -27.47 9.60 14.33
C ALA F 175 -28.10 10.47 15.41
N GLU F 176 -29.28 10.08 15.91
CA GLU F 176 -29.93 10.85 16.97
C GLU F 176 -29.17 10.78 18.29
N GLN F 177 -28.27 9.81 18.45
CA GLN F 177 -27.44 9.72 19.64
C GLN F 177 -26.09 10.37 19.40
N ASN F 184 -32.17 1.79 25.32
CA ASN F 184 -33.39 2.55 25.60
C ASN F 184 -34.63 1.74 25.23
N ALA F 185 -35.46 1.43 26.23
CA ALA F 185 -36.66 0.63 26.00
C ALA F 185 -37.70 1.37 25.17
N ALA F 186 -37.66 2.71 25.15
CA ALA F 186 -38.57 3.46 24.30
C ALA F 186 -38.30 3.24 22.81
N THR F 187 -37.09 2.81 22.46
CA THR F 187 -36.83 2.41 21.08
C THR F 187 -37.44 1.05 20.78
N GLU F 188 -37.55 0.18 21.78
CA GLU F 188 -38.22 -1.11 21.60
C GLU F 188 -39.72 -0.93 21.47
N THR F 189 -40.30 0.04 22.17
CA THR F 189 -41.72 0.32 22.03
C THR F 189 -42.02 0.96 20.68
N LEU F 190 -41.17 1.90 20.24
CA LEU F 190 -41.38 2.55 18.96
C LEU F 190 -41.08 1.61 17.79
N LEU F 191 -40.20 0.63 18.00
CA LEU F 191 -39.90 -0.33 16.94
C LEU F 191 -41.10 -1.19 16.62
N VAL F 192 -41.78 -1.69 17.65
CA VAL F 192 -42.98 -2.50 17.42
C VAL F 192 -44.16 -1.62 17.03
N GLN F 193 -44.21 -0.40 17.54
CA GLN F 193 -45.33 0.50 17.23
C GLN F 193 -45.34 0.88 15.75
N ASN F 194 -44.17 1.06 15.15
CA ASN F 194 -44.06 1.53 13.77
C ASN F 194 -43.90 0.41 12.77
N ALA F 195 -44.00 -0.85 13.20
CA ALA F 195 -43.96 -1.97 12.27
C ALA F 195 -45.27 -2.06 11.49
N ASN F 196 -45.25 -2.84 10.41
CA ASN F 196 -46.51 -3.00 9.68
C ASN F 196 -47.39 -4.04 10.36
N PRO F 197 -48.72 -3.86 10.32
CA PRO F 197 -49.62 -4.69 11.16
C PRO F 197 -49.53 -6.19 10.96
N ASP F 198 -48.93 -6.66 9.86
CA ASP F 198 -48.76 -8.11 9.69
C ASP F 198 -47.72 -8.66 10.66
N CYS F 199 -46.59 -7.97 10.81
CA CYS F 199 -45.56 -8.40 11.74
C CYS F 199 -45.83 -7.95 13.15
N LYS F 200 -46.46 -6.78 13.32
CA LYS F 200 -46.73 -6.25 14.66
C LYS F 200 -47.55 -7.23 15.51
N THR F 201 -48.43 -8.00 14.88
CA THR F 201 -49.21 -8.99 15.62
C THR F 201 -48.35 -10.19 16.00
N ILE F 202 -47.40 -10.57 15.14
CA ILE F 202 -46.51 -11.68 15.45
C ILE F 202 -45.62 -11.33 16.63
N LEU F 203 -45.22 -10.05 16.75
CA LEU F 203 -44.38 -9.63 17.87
C LEU F 203 -45.14 -9.73 19.18
N LYS F 204 -46.44 -9.42 19.17
CA LYS F 204 -47.25 -9.58 20.38
C LYS F 204 -47.45 -11.05 20.71
N ALA F 205 -47.44 -11.92 19.71
CA ALA F 205 -47.52 -13.36 19.97
C ALA F 205 -46.28 -13.85 20.71
N LEU F 206 -45.12 -13.21 20.48
CA LEU F 206 -43.94 -13.54 21.25
C LEU F 206 -44.09 -13.11 22.70
N GLY F 207 -44.86 -12.05 22.96
CA GLY F 207 -45.02 -11.57 24.30
C GLY F 207 -44.11 -10.40 24.58
N PRO F 208 -44.46 -9.56 25.55
CA PRO F 208 -43.59 -8.44 25.91
C PRO F 208 -42.24 -8.94 26.39
N GLY F 209 -41.23 -8.08 26.25
CA GLY F 209 -39.88 -8.42 26.64
C GLY F 209 -39.30 -9.56 25.81
N ALA F 210 -38.86 -9.24 24.60
CA ALA F 210 -38.31 -10.24 23.68
C ALA F 210 -36.99 -9.74 23.10
N THR F 211 -36.15 -10.68 22.71
CA THR F 211 -34.87 -10.34 22.12
C THR F 211 -35.05 -9.94 20.66
N LEU F 212 -34.11 -9.13 20.17
CA LEU F 212 -34.14 -8.74 18.76
C LEU F 212 -33.96 -9.95 17.85
N GLU F 213 -33.24 -10.97 18.31
CA GLU F 213 -33.12 -12.19 17.53
C GLU F 213 -34.48 -12.84 17.32
N GLU F 214 -35.27 -12.96 18.40
CA GLU F 214 -36.58 -13.59 18.30
C GLU F 214 -37.55 -12.73 17.48
N MET F 215 -37.51 -11.41 17.67
CA MET F 215 -38.44 -10.52 16.97
C MET F 215 -38.22 -10.56 15.46
N MET F 216 -36.98 -10.78 15.03
CA MET F 216 -36.70 -10.87 13.59
C MET F 216 -36.87 -12.29 13.05
N THR F 217 -36.56 -13.31 13.85
CA THR F 217 -36.78 -14.69 13.41
C THR F 217 -38.25 -14.96 13.18
N ALA F 218 -39.11 -14.42 14.05
CA ALA F 218 -40.55 -14.63 13.90
C ALA F 218 -41.06 -13.96 12.62
N CYS F 219 -40.73 -12.68 12.42
CA CYS F 219 -41.16 -11.94 11.24
C CYS F 219 -40.18 -12.15 10.08
N GLN F 220 -40.01 -13.42 9.74
CA GLN F 220 -39.08 -13.81 8.69
C GLN F 220 -39.74 -13.73 7.31
#